data_6BGJ
#
_entry.id   6BGJ
#
_cell.length_a   1
_cell.length_b   1
_cell.length_c   1
_cell.angle_alpha   90.00
_cell.angle_beta   90.00
_cell.angle_gamma   90.00
#
_symmetry.space_group_name_H-M   'P 1'
#
loop_
_entity.id
_entity.type
_entity.pdbx_description
1 polymer Anoctamin-1
2 non-polymer 'CALCIUM ION'
#
_entity_poly.entity_id   1
_entity_poly.type   'polypeptide(L)'
_entity_poly.pdbx_seq_one_letter_code
;MRVPEKYSTLPAEDRSVHIVNICAIEDLGYLPSEGTLLNSLSVDPDAECKYGLYFRDGKRKVDYILVYHHKRASGSRTLA
RRGLQNDMVLGTRSVRQDQPLPGKGSPVDAGSPEVPMDYHEDDKRFRREEYEGNLLEAGLELENDEDTKIHGVGFVKIHA
PWHVLCREAEFLKLKMPTKKVYHISETRGLLKTINSVLQKITDPIQPKVAEHRPQTTKRLSYPFSREKQHLFDLTDRDSF
FDSKTRSTIVYEILKRTTCTKAKYSMGITSLLANGVYSAAYPLHDGDYEGDNVEFNDRKLLYEEWASYGVFYKYQPIDLV
RKYFGEKVGLYFAWLGAYTQMLIPASIVGVIVFLYGCATVDENIPSMEMCDQRYNITMCPLCDKTCSYWKMSSACATARA
SHLFDNPATVFFSVFMALWAATFMEHWKRKQMRLNYRWDLTGFEEEEDHPRAEYEARVLEKSLRKESRNKETDKVKLTWR
DRFPAYFTNLVSIIFMIAVTFAIVLGVIIYRISTAAALAMNSSPSVRSNIRVTVTATAVIINLVVIILLDEVYGCIARWL
TKIEVPKTEKSFEERLTFKAFLLKFVNSYTPIFYVAFFKGRFVGRPGDYVYIFRSFRMEECAPGGCLMELCIQLSIIMLG
KQLIQNNLFEIGIPKMKKFIRYLKLRRQSPSDREEYVKRKQRYEVDFNLEPFAGLTPEYMEMIIQFGFVTLFVASFPLAP
LFALLNNIIEIRLDAKKFVTELRRPVAIRAKDIGIWYNILRGVGKLAVIINAFVISFTSDFIPRLVYLYMYSQNGTMHGF
VNHTLSSFNVSDFQNGTAPNDPLDLGYEVQICRYKDYREPPWSEHKYDISKDFWAVLAARLAFVIVFQNLVMFMSDFVDW
VIPDIPKDISQQIHKEKVLMVELSNSLEVLFQ
;
_entity_poly.pdbx_strand_id   A,B
#
loop_
_chem_comp.id
_chem_comp.type
_chem_comp.name
_chem_comp.formula
CA non-polymer 'CALCIUM ION' 'Ca 2'
#
# COMPACT_ATOMS: atom_id res chain seq x y z
N ASN A 292 11.59 53.78 1.28
CA ASN A 292 12.30 52.71 1.98
C ASN A 292 12.73 51.61 1.02
N VAL A 293 12.92 51.98 -0.26
CA VAL A 293 13.39 51.02 -1.26
C VAL A 293 14.82 50.60 -0.94
N GLU A 294 15.63 51.54 -0.47
CA GLU A 294 16.92 51.20 0.12
C GLU A 294 16.75 50.35 1.37
N PHE A 295 15.77 50.70 2.21
CA PHE A 295 15.54 49.95 3.44
C PHE A 295 14.85 48.63 3.16
N ASN A 296 14.17 48.51 2.01
CA ASN A 296 13.78 47.20 1.52
C ASN A 296 14.99 46.33 1.27
N ASP A 297 16.06 46.91 0.70
CA ASP A 297 17.30 46.15 0.55
C ASP A 297 17.94 45.92 1.91
N ARG A 298 17.99 46.95 2.76
CA ARG A 298 18.82 46.90 3.97
C ARG A 298 18.26 45.95 5.01
N LYS A 299 16.95 45.98 5.24
CA LYS A 299 16.32 45.03 6.16
C LYS A 299 16.44 43.61 5.67
N LEU A 300 16.59 43.43 4.35
CA LEU A 300 16.87 42.13 3.77
C LEU A 300 18.35 41.93 3.49
N LEU A 301 19.14 43.00 3.52
CA LEU A 301 20.57 42.85 3.69
C LEU A 301 20.89 42.40 5.12
N TYR A 302 20.52 43.23 6.10
CA TYR A 302 21.08 43.06 7.45
C TYR A 302 20.46 41.88 8.19
N GLU A 303 19.13 41.77 8.19
CA GLU A 303 18.50 40.67 8.92
C GLU A 303 18.64 39.35 8.17
N GLU A 304 19.05 39.39 6.90
CA GLU A 304 19.29 38.20 6.10
C GLU A 304 20.71 38.24 5.56
N TRP A 305 21.67 38.44 6.48
CA TRP A 305 23.07 38.61 6.15
C TRP A 305 23.93 37.39 6.43
N ALA A 306 23.69 36.72 7.56
CA ALA A 306 24.76 36.11 8.36
C ALA A 306 25.60 35.09 7.59
N SER A 307 24.95 34.04 7.07
CA SER A 307 25.52 33.01 6.20
C SER A 307 26.66 32.21 6.83
N TYR A 308 26.95 32.40 8.12
CA TYR A 308 27.84 31.52 8.87
C TYR A 308 27.04 30.51 9.70
N GLY A 309 25.82 30.87 10.06
CA GLY A 309 24.96 30.04 10.86
C GLY A 309 23.57 30.65 10.91
N VAL A 310 22.94 30.61 12.08
CA VAL A 310 21.61 31.19 12.24
C VAL A 310 21.73 32.72 12.15
N PHE A 311 20.63 33.37 11.79
CA PHE A 311 20.59 34.83 11.88
C PHE A 311 20.67 35.28 13.34
N TYR A 312 20.09 34.49 14.24
CA TYR A 312 20.03 34.63 15.70
C TYR A 312 19.24 35.85 16.16
N LYS A 313 18.61 36.60 15.26
CA LYS A 313 17.63 37.59 15.68
C LYS A 313 16.24 36.96 15.66
N TYR A 314 15.77 36.61 14.46
CA TYR A 314 14.48 35.96 14.24
C TYR A 314 14.52 35.24 12.89
N GLN A 315 13.33 34.87 12.39
CA GLN A 315 13.18 34.46 11.00
C GLN A 315 12.04 35.30 10.41
N PRO A 316 12.35 36.37 9.70
CA PRO A 316 11.27 37.25 9.22
C PRO A 316 10.66 36.80 7.90
N ILE A 317 9.83 35.76 7.97
CA ILE A 317 9.14 35.27 6.78
C ILE A 317 8.13 36.29 6.28
N ASP A 318 7.52 37.03 7.21
CA ASP A 318 6.58 38.08 6.83
C ASP A 318 7.26 39.18 6.05
N LEU A 319 8.49 39.53 6.44
CA LEU A 319 9.24 40.59 5.77
C LEU A 319 9.57 40.21 4.34
N VAL A 320 9.81 38.92 4.11
CA VAL A 320 9.97 38.42 2.75
C VAL A 320 8.65 38.56 1.98
N ARG A 321 7.52 38.25 2.63
CA ARG A 321 6.24 38.47 1.98
C ARG A 321 5.86 39.95 2.00
N LYS A 322 6.43 40.73 2.91
CA LYS A 322 6.29 42.18 2.80
C LYS A 322 6.98 42.73 1.57
N TYR A 323 8.05 42.08 1.11
CA TYR A 323 8.77 42.60 -0.04
C TYR A 323 8.80 41.67 -1.24
N PHE A 324 9.26 40.43 -1.07
CA PHE A 324 9.69 39.64 -2.23
C PHE A 324 8.55 39.06 -3.06
N GLY A 325 7.48 38.57 -2.43
CA GLY A 325 6.41 38.01 -3.22
C GLY A 325 5.99 36.60 -2.84
N GLU A 326 4.70 36.29 -3.01
CA GLU A 326 4.11 35.06 -2.51
C GLU A 326 4.60 33.84 -3.27
N LYS A 327 5.15 34.02 -4.46
CA LYS A 327 5.90 32.95 -5.09
C LYS A 327 7.25 32.79 -4.41
N VAL A 328 7.95 33.90 -4.19
CA VAL A 328 9.27 33.87 -3.57
C VAL A 328 9.15 33.59 -2.08
N GLY A 329 8.14 34.14 -1.42
CA GLY A 329 8.01 33.96 0.01
C GLY A 329 7.60 32.57 0.42
N LEU A 330 6.75 31.91 -0.36
CA LEU A 330 6.29 30.58 0.00
C LEU A 330 7.36 29.53 -0.26
N TYR A 331 8.45 29.90 -0.91
CA TYR A 331 9.64 29.05 -0.89
C TYR A 331 10.36 29.16 0.44
N PHE A 332 10.48 30.38 0.96
CA PHE A 332 11.14 30.54 2.25
C PHE A 332 10.23 30.14 3.39
N ALA A 333 8.92 30.34 3.23
CA ALA A 333 7.97 29.91 4.24
C ALA A 333 7.98 28.40 4.39
N TRP A 334 8.14 27.70 3.27
CA TRP A 334 8.29 26.26 3.31
C TRP A 334 9.63 25.88 3.91
N LEU A 335 10.70 26.51 3.42
CA LEU A 335 12.04 26.18 3.90
C LEU A 335 12.28 26.68 5.31
N GLY A 336 11.49 27.65 5.76
CA GLY A 336 11.45 27.93 7.19
C GLY A 336 10.74 26.83 7.97
N ALA A 337 9.58 26.40 7.47
CA ALA A 337 8.83 25.34 8.15
C ALA A 337 9.55 24.01 8.06
N TYR A 338 10.27 23.78 6.96
CA TYR A 338 11.05 22.56 6.81
C TYR A 338 12.25 22.57 7.75
N THR A 339 12.85 23.73 7.97
CA THR A 339 13.96 23.83 8.90
C THR A 339 13.48 23.66 10.34
N GLN A 340 12.35 24.27 10.69
CA GLN A 340 11.84 24.18 12.05
C GLN A 340 11.38 22.76 12.38
N MET A 341 10.81 22.05 11.42
CA MET A 341 10.34 20.69 11.66
C MET A 341 11.45 19.65 11.55
N LEU A 342 12.62 20.03 11.04
CA LEU A 342 13.76 19.12 11.15
C LEU A 342 14.36 19.14 12.54
N ILE A 343 14.11 20.20 13.32
CA ILE A 343 14.63 20.26 14.69
C ILE A 343 14.08 19.15 15.59
N PRO A 344 12.78 18.79 15.58
CA PRO A 344 12.40 17.59 16.33
C PRO A 344 12.95 16.32 15.71
N ALA A 345 13.13 16.30 14.40
CA ALA A 345 13.67 15.13 13.75
C ALA A 345 15.16 14.98 14.00
N SER A 346 15.90 16.09 14.05
CA SER A 346 17.34 16.00 14.21
C SER A 346 17.73 15.65 15.64
N ILE A 347 16.94 16.08 16.62
CA ILE A 347 17.23 15.78 18.02
C ILE A 347 17.11 14.29 18.28
N VAL A 348 16.04 13.68 17.76
CA VAL A 348 15.85 12.24 17.92
C VAL A 348 16.91 11.48 17.12
N GLY A 349 17.36 12.05 16.00
CA GLY A 349 18.51 11.48 15.31
C GLY A 349 19.78 11.49 16.14
N VAL A 350 19.91 12.46 17.05
CA VAL A 350 20.98 12.40 18.03
C VAL A 350 20.67 11.37 19.12
N ILE A 351 19.39 11.27 19.50
CA ILE A 351 19.02 10.30 20.52
C ILE A 351 19.13 8.88 19.98
N VAL A 352 18.77 8.68 18.71
CA VAL A 352 19.01 7.40 18.06
C VAL A 352 20.51 7.18 17.88
N PHE A 353 21.27 8.23 17.66
CA PHE A 353 22.72 8.12 17.82
C PHE A 353 23.11 7.81 19.26
N LEU A 354 22.46 8.46 20.23
CA LEU A 354 22.79 8.20 21.63
C LEU A 354 22.34 6.80 22.05
N TYR A 355 21.13 6.39 21.64
CA TYR A 355 20.72 5.00 21.86
C TYR A 355 21.54 4.05 21.01
N GLY A 356 22.05 4.53 19.87
CA GLY A 356 23.07 3.79 19.17
C GLY A 356 24.34 3.70 19.97
N CYS A 357 24.95 4.84 20.29
CA CYS A 357 26.30 4.87 20.87
C CYS A 357 26.32 4.26 22.26
N ALA A 358 25.42 4.68 23.15
CA ALA A 358 25.51 4.31 24.56
C ALA A 358 25.12 2.85 24.77
N THR A 359 23.99 2.42 24.21
CA THR A 359 23.48 1.08 24.47
C THR A 359 24.28 -0.02 23.78
N VAL A 360 25.27 0.34 22.96
CA VAL A 360 26.16 -0.63 22.34
C VAL A 360 27.58 -0.49 22.88
N ASP A 361 27.91 0.63 23.52
CA ASP A 361 29.16 0.70 24.26
C ASP A 361 29.04 0.24 25.71
N GLU A 362 27.89 0.49 26.36
CA GLU A 362 27.77 0.17 27.78
C GLU A 362 27.57 -1.32 28.01
N ASN A 363 26.46 -1.88 27.51
CA ASN A 363 26.18 -3.29 27.70
C ASN A 363 26.94 -4.17 26.72
N ILE A 364 27.61 -3.55 25.74
CA ILE A 364 28.26 -4.10 24.55
C ILE A 364 27.57 -5.35 23.98
N PRO A 365 26.29 -5.25 23.53
CA PRO A 365 25.62 -6.46 23.05
C PRO A 365 25.77 -6.68 21.54
N SER A 366 26.11 -5.63 20.79
CA SER A 366 26.21 -5.69 19.35
C SER A 366 27.48 -5.02 18.84
N MET A 367 28.51 -4.97 19.67
CA MET A 367 29.88 -4.88 19.16
C MET A 367 30.52 -6.25 19.16
N GLU A 368 30.50 -6.92 20.32
CA GLU A 368 31.07 -8.25 20.49
C GLU A 368 30.48 -9.23 19.50
N MET A 369 29.16 -9.30 19.46
CA MET A 369 28.46 -10.16 18.53
C MET A 369 28.63 -9.70 17.08
N CYS A 370 29.00 -8.44 16.86
CA CYS A 370 29.18 -7.94 15.51
C CYS A 370 30.64 -7.83 15.09
N ASP A 371 31.55 -7.63 16.03
CA ASP A 371 32.97 -7.78 15.69
C ASP A 371 33.33 -9.25 15.53
N GLN A 372 32.78 -10.12 16.37
CA GLN A 372 33.05 -11.54 16.21
C GLN A 372 32.15 -12.20 15.20
N ARG A 373 31.16 -11.49 14.67
CA ARG A 373 30.60 -11.90 13.39
C ARG A 373 31.66 -11.80 12.30
N TYR A 374 32.24 -10.62 12.15
CA TYR A 374 33.19 -10.33 11.08
C TYR A 374 34.58 -10.89 11.33
N ASN A 375 34.84 -11.39 12.54
CA ASN A 375 36.04 -12.21 12.73
C ASN A 375 35.89 -13.58 12.09
N ILE A 376 34.65 -14.00 11.79
CA ILE A 376 34.41 -15.29 11.16
C ILE A 376 34.39 -15.16 9.64
N THR A 377 33.96 -14.01 9.11
CA THR A 377 33.66 -13.81 7.69
C THR A 377 34.87 -13.89 6.76
N MET A 378 36.05 -14.19 7.27
CA MET A 378 37.24 -14.43 6.47
C MET A 378 37.96 -15.70 6.90
N CYS A 379 37.34 -16.53 7.73
CA CYS A 379 38.03 -17.70 8.24
C CYS A 379 38.23 -18.77 7.16
N PRO A 380 37.37 -18.92 6.14
CA PRO A 380 37.83 -19.60 4.94
C PRO A 380 38.50 -18.71 3.90
N LEU A 381 38.83 -17.46 4.23
CA LEU A 381 39.69 -16.68 3.33
C LEU A 381 41.17 -16.80 3.70
N CYS A 382 41.48 -17.19 4.94
CA CYS A 382 42.86 -17.07 5.46
C CYS A 382 43.83 -18.02 4.77
N ASP A 383 43.71 -19.32 5.09
CA ASP A 383 44.51 -20.45 4.61
C ASP A 383 45.99 -20.13 4.37
N LYS A 384 46.60 -19.43 5.33
CA LYS A 384 47.98 -18.93 5.35
C LYS A 384 48.33 -18.03 4.16
N THR A 385 47.35 -17.39 3.51
CA THR A 385 47.61 -16.38 2.48
C THR A 385 46.69 -15.20 2.71
N CYS A 386 47.26 -14.10 3.22
CA CYS A 386 46.55 -12.85 3.56
C CYS A 386 45.42 -13.11 4.54
N SER A 387 45.80 -13.52 5.75
CA SER A 387 44.87 -14.15 6.68
C SER A 387 43.93 -13.16 7.38
N TYR A 388 44.49 -12.24 8.18
CA TYR A 388 43.67 -11.51 9.15
C TYR A 388 43.59 -10.02 8.87
N TRP A 389 43.36 -9.62 7.61
CA TRP A 389 43.47 -8.21 7.23
C TRP A 389 42.17 -7.42 7.37
N LYS A 390 41.13 -7.81 6.64
CA LYS A 390 39.95 -6.97 6.45
C LYS A 390 38.95 -7.10 7.60
N MET A 391 39.17 -8.06 8.50
CA MET A 391 38.38 -8.20 9.72
C MET A 391 38.36 -6.91 10.53
N SER A 392 39.54 -6.32 10.74
CA SER A 392 39.63 -5.08 11.52
C SER A 392 39.00 -3.90 10.79
N SER A 393 38.99 -3.93 9.46
CA SER A 393 38.17 -3.00 8.71
C SER A 393 36.70 -3.31 8.90
N ALA A 394 36.36 -4.59 8.87
CA ALA A 394 34.98 -4.99 9.04
C ALA A 394 34.50 -4.76 10.45
N CYS A 395 35.38 -4.93 11.45
CA CYS A 395 35.01 -4.65 12.83
C CYS A 395 34.84 -3.16 13.13
N ALA A 396 35.28 -2.29 12.22
CA ALA A 396 35.07 -0.86 12.37
C ALA A 396 33.85 -0.37 11.61
N THR A 397 33.52 -1.03 10.50
CA THR A 397 32.26 -0.75 9.82
C THR A 397 31.07 -1.15 10.67
N ALA A 398 31.20 -2.26 11.41
CA ALA A 398 30.12 -2.74 12.25
C ALA A 398 29.91 -1.84 13.46
N ARG A 399 30.91 -1.05 13.84
CA ARG A 399 30.72 -0.10 14.92
C ARG A 399 29.77 1.02 14.50
N ALA A 400 29.71 1.34 13.21
CA ALA A 400 28.78 2.35 12.74
C ALA A 400 27.49 1.71 12.25
N SER A 401 27.60 0.69 11.42
CA SER A 401 26.44 0.06 10.81
C SER A 401 25.63 -0.71 11.84
N HIS A 402 26.23 -1.71 12.46
CA HIS A 402 25.55 -2.61 13.41
C HIS A 402 25.44 -2.04 14.81
N LEU A 403 25.59 -0.72 14.91
CA LEU A 403 25.29 0.00 16.13
C LEU A 403 23.78 0.05 16.36
N PHE A 404 23.01 0.03 15.28
CA PHE A 404 21.63 0.50 15.29
C PHE A 404 20.60 -0.60 15.14
N ASP A 405 20.85 -1.56 14.26
CA ASP A 405 19.88 -2.10 13.29
C ASP A 405 18.45 -2.25 13.74
N ASN A 406 18.20 -3.06 14.74
CA ASN A 406 16.82 -3.46 14.91
C ASN A 406 15.97 -2.47 15.72
N PRO A 407 16.42 -1.89 16.88
CA PRO A 407 15.56 -0.88 17.50
C PRO A 407 15.71 0.51 16.90
N ALA A 408 16.94 0.87 16.53
CA ALA A 408 17.28 2.27 16.33
C ALA A 408 16.88 2.79 14.97
N THR A 409 17.20 2.03 13.92
CA THR A 409 16.75 2.39 12.58
C THR A 409 15.24 2.36 12.48
N VAL A 410 14.62 1.31 13.02
CA VAL A 410 13.22 1.01 12.75
C VAL A 410 12.31 2.00 13.45
N PHE A 411 12.57 2.30 14.72
CA PHE A 411 11.69 3.19 15.46
C PHE A 411 11.73 4.61 14.92
N PHE A 412 12.86 5.04 14.39
CA PHE A 412 12.94 6.39 13.88
C PHE A 412 12.28 6.49 12.51
N SER A 413 12.32 5.41 11.73
CA SER A 413 11.76 5.42 10.39
C SER A 413 10.25 5.50 10.43
N VAL A 414 9.63 4.66 11.26
CA VAL A 414 8.20 4.73 11.53
C VAL A 414 7.83 6.08 12.10
N PHE A 415 8.72 6.65 12.91
CA PHE A 415 8.54 8.03 13.36
C PHE A 415 8.62 9.00 12.18
N MET A 416 9.66 8.87 11.35
CA MET A 416 9.89 9.88 10.31
C MET A 416 8.89 9.77 9.18
N ALA A 417 8.50 8.56 8.79
CA ALA A 417 7.44 8.39 7.81
C ALA A 417 6.12 8.93 8.33
N LEU A 418 5.88 8.79 9.63
CA LEU A 418 4.76 9.50 10.23
C LEU A 418 5.04 10.99 10.28
N TRP A 419 6.28 11.37 10.62
CA TRP A 419 6.65 12.78 10.67
C TRP A 419 6.57 13.44 9.30
N ALA A 420 7.03 12.73 8.25
CA ALA A 420 6.93 13.27 6.91
C ALA A 420 5.47 13.45 6.51
N ALA A 421 4.64 12.49 6.91
CA ALA A 421 3.20 12.66 6.77
C ALA A 421 2.68 13.76 7.67
N THR A 422 3.26 13.90 8.87
CA THR A 422 2.91 15.01 9.73
C THR A 422 3.39 16.33 9.14
N PHE A 423 4.62 16.33 8.62
CA PHE A 423 5.13 17.51 7.92
C PHE A 423 4.35 17.78 6.65
N MET A 424 3.86 16.74 5.99
CA MET A 424 2.90 16.94 4.91
C MET A 424 1.63 17.56 5.44
N GLU A 425 1.20 17.12 6.63
CA GLU A 425 -0.02 17.66 7.21
C GLU A 425 0.21 19.04 7.82
N HIS A 426 1.36 19.23 8.47
CA HIS A 426 1.63 20.53 9.11
C HIS A 426 1.85 21.62 8.08
N TRP A 427 2.49 21.30 6.96
CA TRP A 427 2.60 22.28 5.88
C TRP A 427 1.25 22.52 5.24
N LYS A 428 0.41 21.48 5.17
CA LYS A 428 -0.94 21.65 4.64
C LYS A 428 -1.76 22.58 5.52
N ARG A 429 -1.58 22.49 6.84
CA ARG A 429 -2.19 23.47 7.73
C ARG A 429 -1.47 24.80 7.63
N LYS A 430 -0.16 24.76 7.37
CA LYS A 430 0.55 26.02 7.15
C LYS A 430 0.16 26.64 5.83
N GLN A 431 -0.12 25.84 4.81
CA GLN A 431 -0.76 26.34 3.59
C GLN A 431 -2.12 26.94 3.92
N MET A 432 -2.87 26.28 4.80
CA MET A 432 -4.14 26.84 5.25
C MET A 432 -3.97 27.93 6.31
N ARG A 433 -2.74 28.36 6.60
CA ARG A 433 -2.48 29.51 7.45
C ARG A 433 -1.67 30.58 6.75
N LEU A 434 -0.73 30.19 5.88
CA LEU A 434 0.08 31.16 5.15
C LEU A 434 -0.58 31.60 3.85
N ASN A 435 -1.05 30.64 3.04
CA ASN A 435 -1.78 31.03 1.84
C ASN A 435 -3.14 31.59 2.18
N TYR A 436 -3.71 31.15 3.31
CA TYR A 436 -4.93 31.79 3.81
C TYR A 436 -4.67 33.23 4.22
N ARG A 437 -3.52 33.50 4.84
CA ARG A 437 -3.12 34.87 5.06
C ARG A 437 -2.78 35.56 3.74
N TRP A 438 -2.27 34.80 2.77
CA TRP A 438 -1.92 35.38 1.48
C TRP A 438 -3.12 35.61 0.58
N ASP A 439 -4.15 34.76 0.67
CA ASP A 439 -5.34 34.97 -0.14
C ASP A 439 -6.15 36.18 0.33
N LEU A 440 -6.05 36.53 1.62
CA LEU A 440 -6.72 37.72 2.10
C LEU A 440 -6.01 38.99 1.64
N THR A 441 -4.68 38.97 1.58
CA THR A 441 -3.93 40.14 1.15
C THR A 441 -3.97 40.34 -0.37
N GLY A 442 -4.51 39.39 -1.12
CA GLY A 442 -4.54 39.50 -2.57
C GLY A 442 -5.57 40.46 -3.11
N PHE A 443 -6.54 40.86 -2.29
CA PHE A 443 -7.59 41.76 -2.74
C PHE A 443 -7.06 43.17 -2.96
N ILE A 493 6.21 13.21 -29.96
CA ILE A 493 5.17 12.65 -29.12
C ILE A 493 5.72 12.38 -27.72
N ILE A 494 4.86 11.84 -26.85
CA ILE A 494 5.26 11.54 -25.49
C ILE A 494 6.14 10.30 -25.39
N PHE A 495 6.23 9.51 -26.45
CA PHE A 495 7.17 8.40 -26.47
C PHE A 495 8.62 8.88 -26.56
N MET A 496 8.84 10.13 -26.98
CA MET A 496 10.18 10.69 -26.94
C MET A 496 10.65 10.90 -25.50
N ILE A 497 9.73 11.22 -24.59
CA ILE A 497 10.11 11.35 -23.17
C ILE A 497 10.46 9.99 -22.59
N ALA A 498 9.62 8.98 -22.84
CA ALA A 498 9.91 7.62 -22.40
C ALA A 498 11.13 7.04 -23.10
N VAL A 499 11.49 7.56 -24.28
CA VAL A 499 12.77 7.23 -24.86
C VAL A 499 13.90 7.83 -24.04
N THR A 500 13.74 9.07 -23.59
CA THR A 500 14.82 9.74 -22.87
C THR A 500 14.99 9.22 -21.45
N PHE A 501 13.93 8.65 -20.86
CA PHE A 501 14.11 8.06 -19.54
C PHE A 501 14.87 6.76 -19.63
N ALA A 502 14.58 5.96 -20.65
CA ALA A 502 15.39 4.79 -20.93
C ALA A 502 16.83 5.17 -21.26
N ILE A 503 17.04 6.35 -21.85
CA ILE A 503 18.38 6.90 -21.94
C ILE A 503 18.90 7.24 -20.55
N VAL A 504 18.13 7.99 -19.77
CA VAL A 504 18.62 8.54 -18.51
C VAL A 504 18.77 7.44 -17.46
N LEU A 505 17.80 6.53 -17.39
CA LEU A 505 17.99 5.35 -16.55
C LEU A 505 18.99 4.39 -17.16
N GLY A 506 19.25 4.50 -18.46
CA GLY A 506 20.37 3.77 -19.03
C GLY A 506 21.69 4.42 -18.68
N VAL A 507 21.65 5.66 -18.21
CA VAL A 507 22.85 6.35 -17.75
C VAL A 507 23.04 5.93 -16.30
N ILE A 508 23.60 4.73 -16.12
CA ILE A 508 24.00 4.20 -14.82
C ILE A 508 25.45 3.72 -14.81
N ILE A 509 25.97 3.27 -15.96
CA ILE A 509 27.39 2.96 -16.11
C ILE A 509 28.22 4.21 -15.92
N TYR A 510 27.65 5.36 -16.29
CA TYR A 510 28.16 6.67 -15.93
C TYR A 510 28.39 6.83 -14.43
N ARG A 511 27.54 6.25 -13.58
CA ARG A 511 27.90 6.19 -12.18
C ARG A 511 29.03 5.20 -11.95
N ILE A 512 29.01 4.08 -12.67
CA ILE A 512 30.00 3.04 -12.46
C ILE A 512 31.35 3.48 -13.02
N SER A 513 31.34 4.34 -14.04
CA SER A 513 32.57 4.95 -14.53
C SER A 513 33.17 5.88 -13.49
N THR A 514 32.32 6.70 -12.86
CA THR A 514 32.77 7.53 -11.75
C THR A 514 33.11 6.71 -10.52
N ALA A 515 32.44 5.57 -10.34
CA ALA A 515 32.88 4.63 -9.33
C ALA A 515 34.18 3.94 -9.72
N ALA A 516 34.52 3.93 -11.00
CA ALA A 516 35.82 3.46 -11.45
C ALA A 516 36.82 4.60 -11.61
N ALA A 517 36.34 5.85 -11.71
CA ALA A 517 37.25 6.98 -11.82
C ALA A 517 38.04 7.19 -10.55
N LEU A 518 37.35 7.19 -9.40
CA LEU A 518 38.05 7.27 -8.11
C LEU A 518 38.79 5.98 -7.78
N ALA A 519 38.46 4.87 -8.44
CA ALA A 519 39.24 3.66 -8.26
C ALA A 519 40.61 3.76 -8.92
N MET A 520 40.81 4.72 -9.83
CA MET A 520 42.11 5.00 -10.40
C MET A 520 42.61 6.41 -10.14
N ASN A 521 41.77 7.29 -9.59
CA ASN A 521 42.21 8.64 -9.25
C ASN A 521 43.20 8.62 -8.10
N SER A 522 43.02 7.71 -7.15
CA SER A 522 43.98 7.52 -6.06
C SER A 522 44.49 6.10 -5.99
N SER A 523 43.61 5.12 -6.18
CA SER A 523 43.85 3.68 -6.16
C SER A 523 44.64 3.17 -4.96
N PRO A 524 44.15 3.28 -3.72
CA PRO A 524 44.83 2.58 -2.62
C PRO A 524 44.21 1.22 -2.36
N SER A 525 45.01 0.33 -1.78
CA SER A 525 44.55 -0.97 -1.30
C SER A 525 44.88 -1.03 0.18
N VAL A 526 44.00 -0.47 1.01
CA VAL A 526 44.18 -0.43 2.45
C VAL A 526 42.81 -0.58 3.10
N ARG A 527 42.80 -0.57 4.43
CA ARG A 527 41.60 -0.90 5.19
C ARG A 527 41.22 0.13 6.25
N SER A 528 42.13 1.02 6.65
CA SER A 528 41.81 1.97 7.72
C SER A 528 40.90 3.07 7.21
N ASN A 529 41.34 3.81 6.19
CA ASN A 529 40.52 4.87 5.63
C ASN A 529 40.58 4.90 4.10
N ILE A 530 40.91 3.78 3.46
CA ILE A 530 40.98 3.75 2.01
C ILE A 530 39.59 3.70 1.40
N ARG A 531 38.76 2.74 1.84
CA ARG A 531 37.41 2.61 1.29
C ARG A 531 36.50 3.74 1.74
N VAL A 532 36.85 4.41 2.84
CA VAL A 532 36.04 5.54 3.29
C VAL A 532 36.24 6.75 2.39
N THR A 533 37.47 6.97 1.94
CA THR A 533 37.76 8.17 1.15
C THR A 533 37.62 7.94 -0.34
N VAL A 534 37.82 6.70 -0.80
CA VAL A 534 37.65 6.41 -2.22
C VAL A 534 36.19 6.51 -2.62
N THR A 535 35.29 5.95 -1.80
CA THR A 535 33.87 6.14 -2.03
C THR A 535 33.44 7.56 -1.70
N ALA A 536 34.20 8.29 -0.91
CA ALA A 536 33.95 9.72 -0.77
C ALA A 536 34.33 10.46 -2.02
N THR A 537 35.39 10.01 -2.69
CA THR A 537 35.86 10.71 -3.89
C THR A 537 34.90 10.50 -5.06
N ALA A 538 34.38 9.28 -5.22
CA ALA A 538 33.57 8.95 -6.39
C ALA A 538 32.24 9.67 -6.34
N VAL A 539 31.72 9.91 -5.14
CA VAL A 539 30.52 10.71 -5.01
C VAL A 539 30.81 12.15 -5.41
N ILE A 540 31.99 12.66 -5.04
CA ILE A 540 32.41 13.98 -5.50
C ILE A 540 32.61 13.99 -7.00
N ILE A 541 33.12 12.91 -7.56
CA ILE A 541 33.20 12.80 -9.02
C ILE A 541 31.82 12.73 -9.63
N ASN A 542 30.86 12.12 -8.93
CA ASN A 542 29.48 12.18 -9.39
C ASN A 542 28.92 13.59 -9.34
N LEU A 543 28.99 14.24 -8.17
CA LEU A 543 28.32 15.52 -7.97
C LEU A 543 28.86 16.63 -8.86
N VAL A 544 30.12 16.53 -9.29
CA VAL A 544 30.61 17.46 -10.28
C VAL A 544 29.91 17.23 -11.61
N VAL A 545 29.90 15.98 -12.07
CA VAL A 545 29.48 15.72 -13.43
C VAL A 545 27.96 15.68 -13.53
N ILE A 546 27.29 15.27 -12.44
CA ILE A 546 25.84 15.20 -12.45
C ILE A 546 25.24 16.59 -12.56
N ILE A 547 25.85 17.57 -11.89
CA ILE A 547 25.40 18.95 -12.02
C ILE A 547 25.68 19.48 -13.43
N LEU A 548 26.80 19.05 -14.03
CA LEU A 548 27.03 19.34 -15.44
C LEU A 548 25.98 18.66 -16.31
N LEU A 549 25.63 17.42 -15.98
CA LEU A 549 24.58 16.72 -16.70
C LEU A 549 23.18 17.15 -16.26
N ASP A 550 23.06 17.82 -15.12
CA ASP A 550 21.77 18.40 -14.75
C ASP A 550 21.42 19.56 -15.67
N GLU A 551 22.40 20.33 -16.13
CA GLU A 551 22.13 21.40 -17.08
C GLU A 551 21.83 20.88 -18.47
N VAL A 552 22.26 19.64 -18.77
CA VAL A 552 21.98 19.04 -20.06
C VAL A 552 20.49 18.77 -20.22
N TYR A 553 19.84 18.30 -19.16
CA TYR A 553 18.43 17.94 -19.23
C TYR A 553 17.54 19.15 -19.39
N GLY A 554 17.97 20.31 -18.91
CA GLY A 554 17.20 21.52 -19.11
C GLY A 554 17.13 21.93 -20.57
N CYS A 555 18.27 21.85 -21.26
CA CYS A 555 18.25 22.07 -22.70
C CYS A 555 17.57 20.92 -23.43
N ILE A 556 17.56 19.72 -22.85
CA ILE A 556 16.75 18.64 -23.39
C ILE A 556 15.26 18.90 -23.20
N ALA A 557 14.83 19.22 -21.99
CA ALA A 557 13.42 19.39 -21.71
C ALA A 557 12.80 20.63 -22.34
N ARG A 558 13.57 21.71 -22.50
CA ARG A 558 13.00 22.94 -23.05
C ARG A 558 12.71 22.80 -24.54
N TRP A 559 13.62 22.20 -25.29
CA TRP A 559 13.38 21.99 -26.72
C TRP A 559 12.34 20.90 -26.94
N LEU A 560 12.29 19.91 -26.05
CA LEU A 560 11.34 18.83 -26.19
C LEU A 560 9.92 19.27 -25.88
N THR A 561 9.74 20.13 -24.87
CA THR A 561 8.42 20.71 -24.63
C THR A 561 8.06 21.74 -25.68
N LYS A 562 9.04 22.43 -26.27
CA LYS A 562 8.74 23.29 -27.40
C LYS A 562 8.41 22.49 -28.64
N ILE A 563 8.88 21.25 -28.73
CA ILE A 563 8.52 20.39 -29.85
C ILE A 563 7.09 19.89 -29.70
N GLU A 564 6.65 19.62 -28.47
CA GLU A 564 5.30 19.12 -28.25
C GLU A 564 4.25 20.20 -28.45
N VAL A 565 4.63 21.47 -28.29
CA VAL A 565 3.80 22.66 -28.40
C VAL A 565 2.54 22.56 -27.54
N PRO A 566 2.61 22.73 -26.22
CA PRO A 566 1.38 22.98 -25.47
C PRO A 566 0.96 24.42 -25.67
N LYS A 567 -0.35 24.62 -25.79
CA LYS A 567 -0.88 25.94 -26.13
C LYS A 567 -0.74 26.91 -24.97
N THR A 568 -1.22 26.52 -23.79
CA THR A 568 -1.16 27.39 -22.63
C THR A 568 0.26 27.46 -22.10
N GLU A 569 0.76 28.68 -21.90
CA GLU A 569 2.11 28.86 -21.38
C GLU A 569 2.22 28.46 -19.91
N LYS A 570 1.09 28.45 -19.19
CA LYS A 570 1.11 27.99 -17.81
C LYS A 570 1.35 26.49 -17.73
N SER A 571 0.53 25.71 -18.44
CA SER A 571 0.73 24.27 -18.49
C SER A 571 1.96 23.88 -19.30
N PHE A 572 2.53 24.81 -20.08
CA PHE A 572 3.82 24.59 -20.71
C PHE A 572 4.90 24.40 -19.66
N GLU A 573 4.94 25.28 -18.66
CA GLU A 573 5.89 25.12 -17.56
C GLU A 573 5.52 23.93 -16.69
N GLU A 574 4.22 23.66 -16.55
CA GLU A 574 3.78 22.51 -15.77
C GLU A 574 4.19 21.21 -16.44
N ARG A 575 4.17 21.19 -17.77
CA ARG A 575 4.73 20.05 -18.49
C ARG A 575 6.25 20.08 -18.41
N LEU A 576 6.83 21.27 -18.30
CA LEU A 576 8.28 21.39 -18.31
C LEU A 576 8.90 20.88 -17.02
N THR A 577 8.29 21.21 -15.87
CA THR A 577 8.79 20.71 -14.59
C THR A 577 8.70 19.19 -14.55
N PHE A 578 7.50 18.65 -14.76
CA PHE A 578 7.26 17.21 -14.72
C PHE A 578 8.08 16.45 -15.75
N LYS A 579 8.47 17.10 -16.85
CA LYS A 579 9.51 16.52 -17.68
C LYS A 579 10.86 16.61 -16.98
N ALA A 580 11.25 17.81 -16.57
CA ALA A 580 12.61 18.03 -16.08
C ALA A 580 12.83 17.50 -14.68
N PHE A 581 11.80 17.52 -13.83
CA PHE A 581 11.90 16.89 -12.52
C PHE A 581 12.21 15.42 -12.64
N LEU A 582 11.39 14.70 -13.41
CA LEU A 582 11.60 13.28 -13.61
C LEU A 582 12.91 12.98 -14.31
N LEU A 583 13.43 13.93 -15.10
CA LEU A 583 14.81 13.81 -15.53
C LEU A 583 15.77 13.98 -14.37
N LYS A 584 15.56 15.01 -13.55
CA LYS A 584 16.48 15.26 -12.45
C LYS A 584 16.26 14.32 -11.28
N PHE A 585 15.04 13.79 -11.13
CA PHE A 585 14.78 12.68 -10.23
C PHE A 585 15.68 11.51 -10.59
N VAL A 586 15.57 11.04 -11.83
CA VAL A 586 16.36 9.88 -12.24
C VAL A 586 17.79 10.25 -12.52
N ASN A 587 18.14 11.53 -12.56
CA ASN A 587 19.55 11.88 -12.53
C ASN A 587 20.10 11.67 -11.13
N SER A 588 19.43 12.23 -10.13
CA SER A 588 20.04 12.39 -8.82
C SER A 588 19.90 11.14 -7.96
N TYR A 589 18.73 10.52 -7.95
CA TYR A 589 18.49 9.45 -7.01
C TYR A 589 18.91 8.09 -7.53
N THR A 590 19.13 7.98 -8.84
CA THR A 590 19.53 6.70 -9.41
C THR A 590 20.90 6.20 -8.94
N PRO A 591 21.90 7.03 -8.60
CA PRO A 591 23.02 6.48 -7.83
C PRO A 591 22.61 5.84 -6.53
N ILE A 592 21.63 6.41 -5.83
CA ILE A 592 21.23 5.86 -4.56
C ILE A 592 20.36 4.63 -4.75
N PHE A 593 19.43 4.70 -5.71
CA PHE A 593 18.62 3.54 -6.06
C PHE A 593 19.47 2.39 -6.55
N TYR A 594 20.60 2.69 -7.19
CA TYR A 594 21.52 1.64 -7.58
C TYR A 594 22.12 0.98 -6.35
N VAL A 595 22.64 1.79 -5.42
CA VAL A 595 23.38 1.25 -4.28
C VAL A 595 22.48 0.83 -3.12
N ALA A 596 21.23 1.28 -3.09
CA ALA A 596 20.32 0.74 -2.10
C ALA A 596 19.89 -0.66 -2.48
N PHE A 597 19.38 -0.81 -3.69
CA PHE A 597 18.74 -2.05 -4.10
C PHE A 597 19.62 -2.85 -5.07
N PHE A 598 19.96 -2.28 -6.21
CA PHE A 598 20.40 -3.08 -7.34
C PHE A 598 21.88 -3.37 -7.31
N LYS A 599 22.68 -2.61 -6.56
CA LYS A 599 24.10 -2.94 -6.45
C LYS A 599 24.28 -4.19 -5.59
N GLY A 600 23.43 -4.36 -4.58
CA GLY A 600 23.48 -5.57 -3.80
C GLY A 600 22.75 -6.74 -4.41
N ARG A 601 21.68 -6.49 -5.17
CA ARG A 601 20.92 -7.56 -5.79
C ARG A 601 21.65 -8.09 -7.02
N PHE A 602 20.99 -9.05 -7.69
CA PHE A 602 21.30 -9.51 -9.05
C PHE A 602 22.66 -10.16 -9.18
N VAL A 603 23.29 -10.56 -8.09
CA VAL A 603 24.63 -11.14 -8.12
C VAL A 603 24.63 -12.39 -7.26
N GLY A 604 24.85 -13.54 -7.86
CA GLY A 604 25.19 -14.73 -7.12
C GLY A 604 26.40 -15.36 -7.79
N ARG A 605 27.53 -15.42 -7.10
CA ARG A 605 28.75 -15.89 -7.75
C ARG A 605 29.01 -17.34 -7.42
N PRO A 606 29.18 -18.20 -8.42
CA PRO A 606 29.42 -19.63 -8.16
C PRO A 606 30.79 -19.92 -7.57
N GLY A 607 31.14 -21.18 -7.38
CA GLY A 607 32.30 -21.44 -6.55
C GLY A 607 32.01 -21.23 -5.08
N ASP A 608 31.35 -22.20 -4.44
CA ASP A 608 30.93 -22.11 -3.04
C ASP A 608 32.10 -22.05 -2.07
N TYR A 609 31.80 -22.09 -0.76
CA TYR A 609 32.41 -21.32 0.33
C TYR A 609 33.84 -20.84 0.14
N VAL A 610 34.71 -21.73 -0.35
CA VAL A 610 36.13 -21.39 -0.52
C VAL A 610 36.29 -20.28 -1.56
N TYR A 611 35.47 -20.29 -2.60
CA TYR A 611 35.57 -19.22 -3.59
C TYR A 611 34.51 -18.14 -3.41
N ILE A 612 33.39 -18.42 -2.71
CA ILE A 612 32.39 -17.38 -2.43
C ILE A 612 32.92 -16.35 -1.44
N PHE A 613 33.61 -16.81 -0.40
CA PHE A 613 34.07 -15.93 0.67
C PHE A 613 35.17 -14.95 0.25
N ARG A 614 35.81 -15.17 -0.89
CA ARG A 614 37.06 -14.48 -1.17
C ARG A 614 36.95 -13.52 -2.35
N SER A 615 36.24 -13.92 -3.42
CA SER A 615 36.55 -13.46 -4.76
C SER A 615 36.05 -12.07 -5.10
N PHE A 616 35.78 -11.25 -4.10
CA PHE A 616 35.39 -9.86 -4.31
C PHE A 616 36.65 -8.98 -4.30
N ARG A 617 37.02 -8.46 -5.47
CA ARG A 617 38.16 -7.55 -5.68
C ARG A 617 39.50 -8.13 -5.22
N MET A 618 39.62 -9.46 -5.30
CA MET A 618 40.83 -10.22 -4.94
C MET A 618 41.24 -9.97 -3.49
N GLU A 619 40.28 -10.19 -2.59
CA GLU A 619 40.47 -10.52 -1.18
C GLU A 619 41.15 -9.44 -0.36
N GLU A 620 41.19 -8.19 -0.82
CA GLU A 620 41.97 -7.20 -0.08
C GLU A 620 41.20 -5.93 0.23
N CYS A 621 40.26 -5.54 -0.62
CA CYS A 621 39.56 -4.27 -0.41
C CYS A 621 38.44 -4.42 0.62
N ALA A 622 37.39 -5.19 0.27
CA ALA A 622 36.27 -5.42 1.18
C ALA A 622 35.41 -6.68 0.94
N PRO A 623 35.95 -7.89 0.98
CA PRO A 623 35.13 -9.02 1.44
C PRO A 623 35.00 -9.12 2.94
N GLY A 624 35.77 -8.31 3.69
CA GLY A 624 35.50 -8.21 5.11
C GLY A 624 34.14 -7.60 5.38
N GLY A 625 33.82 -6.51 4.70
CA GLY A 625 32.48 -5.98 4.78
C GLY A 625 31.97 -5.47 3.45
N CYS A 626 30.86 -6.03 2.98
CA CYS A 626 30.17 -5.44 1.84
C CYS A 626 29.42 -4.20 2.31
N LEU A 627 28.39 -4.41 3.14
CA LEU A 627 27.79 -3.44 4.05
C LEU A 627 27.33 -2.16 3.35
N MET A 628 26.32 -2.33 2.51
CA MET A 628 25.92 -1.23 1.64
C MET A 628 25.15 -0.13 2.35
N GLU A 629 24.97 -0.23 3.67
CA GLU A 629 24.40 0.89 4.43
C GLU A 629 25.33 2.09 4.40
N LEU A 630 26.63 1.84 4.55
CA LEU A 630 27.61 2.92 4.62
C LEU A 630 27.72 3.67 3.31
N CYS A 631 27.64 2.96 2.18
CA CYS A 631 27.64 3.61 0.88
C CYS A 631 26.40 4.47 0.69
N ILE A 632 25.31 4.15 1.39
CA ILE A 632 24.18 5.07 1.46
C ILE A 632 24.37 6.09 2.57
N GLN A 633 25.12 5.74 3.64
CA GLN A 633 25.45 6.73 4.65
C GLN A 633 26.39 7.79 4.08
N LEU A 634 27.44 7.36 3.38
CA LEU A 634 28.46 8.31 2.92
C LEU A 634 27.96 9.17 1.77
N SER A 635 27.10 8.62 0.92
CA SER A 635 26.68 9.34 -0.27
C SER A 635 25.75 10.49 0.09
N ILE A 636 24.73 10.24 0.91
CA ILE A 636 23.75 11.26 1.26
C ILE A 636 24.38 12.37 2.10
N ILE A 637 25.46 12.07 2.81
CA ILE A 637 26.23 13.12 3.49
C ILE A 637 26.84 14.07 2.47
N MET A 638 27.54 13.55 1.47
CA MET A 638 28.12 14.40 0.45
C MET A 638 27.04 14.99 -0.45
N LEU A 639 25.92 14.29 -0.59
CA LEU A 639 24.76 14.82 -1.29
C LEU A 639 24.05 15.88 -0.46
N GLY A 640 24.20 15.82 0.86
CA GLY A 640 23.54 16.80 1.69
C GLY A 640 24.41 18.00 2.00
N LYS A 641 25.72 17.78 2.12
CA LYS A 641 26.61 18.85 2.53
C LYS A 641 27.08 19.70 1.36
N GLN A 642 27.40 19.10 0.22
CA GLN A 642 28.10 19.84 -0.81
C GLN A 642 27.17 20.55 -1.79
N LEU A 643 25.99 20.95 -1.32
CA LEU A 643 25.35 22.12 -1.92
C LEU A 643 26.06 23.40 -1.53
N ILE A 644 26.75 23.38 -0.38
CA ILE A 644 27.50 24.52 0.11
C ILE A 644 28.93 24.51 -0.43
N GLN A 645 29.62 23.37 -0.30
CA GLN A 645 31.07 23.32 -0.48
C GLN A 645 31.52 23.47 -1.93
N ASN A 646 30.60 23.53 -2.90
CA ASN A 646 30.94 23.94 -4.25
C ASN A 646 30.62 25.41 -4.49
N ASN A 647 29.50 25.89 -3.96
CA ASN A 647 29.06 27.26 -4.20
C ASN A 647 29.82 28.25 -3.33
N ARG A 682 18.79 54.17 -10.80
CA ARG A 682 19.74 53.68 -9.82
C ARG A 682 19.93 52.19 -9.95
N TYR A 683 19.76 51.68 -11.16
CA TYR A 683 19.88 50.25 -11.42
C TYR A 683 20.62 49.97 -12.73
N GLU A 684 21.58 50.82 -13.07
CA GLU A 684 22.32 50.63 -14.32
C GLU A 684 23.22 49.41 -14.25
N VAL A 685 23.72 49.08 -13.06
CA VAL A 685 24.56 47.90 -12.89
C VAL A 685 23.77 46.61 -12.88
N ASP A 686 22.44 46.68 -12.81
CA ASP A 686 21.63 45.48 -12.76
C ASP A 686 21.61 44.73 -14.09
N PHE A 687 21.90 45.42 -15.19
CA PHE A 687 21.95 44.75 -16.48
C PHE A 687 23.19 43.87 -16.63
N ASN A 688 24.19 44.02 -15.77
CA ASN A 688 25.42 43.26 -15.86
C ASN A 688 25.39 41.95 -15.12
N LEU A 689 24.22 41.34 -14.91
CA LEU A 689 24.16 40.16 -14.07
C LEU A 689 23.07 39.20 -14.56
N GLU A 690 23.19 37.93 -14.12
CA GLU A 690 22.34 36.85 -14.57
C GLU A 690 20.88 37.06 -14.16
N PRO A 691 19.92 36.57 -14.95
CA PRO A 691 18.52 36.92 -14.70
C PRO A 691 17.87 36.09 -13.60
N PHE A 692 16.62 36.46 -13.30
CA PHE A 692 15.79 35.99 -12.18
C PHE A 692 15.11 34.69 -12.57
N ALA A 693 14.08 34.27 -11.81
CA ALA A 693 13.20 33.13 -12.09
C ALA A 693 13.96 31.82 -12.07
N GLY A 694 14.83 31.67 -11.08
CA GLY A 694 15.46 30.38 -10.83
C GLY A 694 14.86 29.73 -9.61
N LEU A 695 13.57 29.95 -9.40
CA LEU A 695 12.90 29.40 -8.22
C LEU A 695 12.38 27.99 -8.47
N THR A 696 12.14 27.63 -9.71
CA THR A 696 11.81 26.25 -10.07
C THR A 696 12.98 25.27 -9.99
N PRO A 697 14.27 25.66 -10.19
CA PRO A 697 15.34 24.76 -9.72
C PRO A 697 15.48 24.79 -8.21
N GLU A 698 15.16 25.94 -7.61
CA GLU A 698 15.31 26.10 -6.16
C GLU A 698 14.29 25.25 -5.40
N TYR A 699 13.03 25.27 -5.86
CA TYR A 699 12.04 24.25 -5.53
C TYR A 699 12.61 22.86 -5.66
N MET A 700 13.27 22.60 -6.79
CA MET A 700 13.73 21.25 -7.09
C MET A 700 14.91 20.88 -6.21
N GLU A 701 15.81 21.84 -5.97
CA GLU A 701 17.06 21.58 -5.25
C GLU A 701 16.82 21.09 -3.83
N MET A 702 15.71 21.52 -3.23
CA MET A 702 15.38 21.13 -1.86
C MET A 702 14.53 19.88 -1.82
N ILE A 703 13.69 19.65 -2.82
CA ILE A 703 12.94 18.41 -2.87
C ILE A 703 13.82 17.24 -3.27
N ILE A 704 14.96 17.51 -3.92
CA ILE A 704 16.00 16.49 -3.99
C ILE A 704 16.54 16.19 -2.59
N GLN A 705 16.60 17.21 -1.73
CA GLN A 705 17.04 17.02 -0.35
C GLN A 705 15.92 16.50 0.55
N PHE A 706 14.66 16.85 0.25
CA PHE A 706 13.54 16.24 0.99
C PHE A 706 13.47 14.76 0.72
N GLY A 707 13.73 14.36 -0.50
CA GLY A 707 13.81 12.96 -0.76
C GLY A 707 15.08 12.32 -0.32
N PHE A 708 16.05 13.09 0.12
CA PHE A 708 17.17 12.48 0.82
C PHE A 708 16.82 12.13 2.25
N VAL A 709 16.10 13.03 2.92
CA VAL A 709 15.69 12.83 4.30
C VAL A 709 14.68 11.71 4.36
N THR A 710 13.51 11.92 3.76
CA THR A 710 12.38 11.06 4.04
C THR A 710 12.43 9.75 3.29
N LEU A 711 12.89 9.74 2.06
CA LEU A 711 12.91 8.50 1.31
C LEU A 711 14.00 7.56 1.77
N PHE A 712 15.02 8.06 2.46
CA PHE A 712 16.16 7.21 2.77
C PHE A 712 16.53 7.19 4.24
N VAL A 713 15.63 7.58 5.14
CA VAL A 713 16.01 7.51 6.55
C VAL A 713 15.73 6.11 7.06
N ALA A 714 16.64 5.24 6.79
CA ALA A 714 16.71 4.04 7.59
C ALA A 714 18.13 3.74 8.00
N SER A 715 19.09 3.93 7.10
CA SER A 715 20.47 3.58 7.41
C SER A 715 21.06 4.54 8.43
N PHE A 716 21.16 5.81 8.08
CA PHE A 716 21.67 6.77 9.04
C PHE A 716 20.56 7.72 9.43
N PRO A 717 20.38 7.95 10.73
CA PRO A 717 19.20 8.70 11.17
C PRO A 717 19.46 10.18 11.39
N LEU A 718 20.69 10.65 11.20
CA LEU A 718 20.99 12.06 11.42
C LEU A 718 20.83 12.89 10.14
N ALA A 719 20.31 12.26 9.09
CA ALA A 719 19.86 12.85 7.83
C ALA A 719 18.99 14.09 8.00
N PRO A 720 18.16 14.22 9.04
CA PRO A 720 17.67 15.55 9.37
C PRO A 720 18.75 16.57 9.71
N LEU A 721 19.73 16.23 10.54
CA LEU A 721 20.66 17.25 11.01
C LEU A 721 21.64 17.66 9.90
N PHE A 722 22.07 16.70 9.07
CA PHE A 722 22.85 17.05 7.89
C PHE A 722 22.03 17.79 6.86
N ALA A 723 20.71 17.69 6.94
CA ALA A 723 19.88 18.66 6.27
C ALA A 723 19.72 19.92 7.10
N LEU A 724 19.68 19.80 8.44
CA LEU A 724 19.38 20.94 9.29
C LEU A 724 20.52 21.95 9.30
N LEU A 725 21.75 21.47 9.53
CA LEU A 725 22.92 22.34 9.45
C LEU A 725 23.06 22.93 8.06
N ASN A 726 22.69 22.15 7.05
CA ASN A 726 22.67 22.65 5.69
C ASN A 726 21.62 23.74 5.53
N ASN A 727 20.37 23.45 5.92
CA ASN A 727 19.26 24.34 5.61
C ASN A 727 19.29 25.63 6.40
N ILE A 728 20.04 25.70 7.49
CA ILE A 728 20.24 26.97 8.18
C ILE A 728 21.04 27.93 7.32
N ILE A 729 22.13 27.44 6.74
CA ILE A 729 22.88 28.24 5.76
C ILE A 729 22.06 28.42 4.48
N GLU A 730 21.38 27.35 4.04
CA GLU A 730 20.65 27.36 2.77
C GLU A 730 19.49 28.34 2.74
N ILE A 731 18.97 28.77 3.88
CA ILE A 731 18.13 29.96 3.86
C ILE A 731 18.99 31.18 3.57
N ARG A 732 20.02 31.40 4.39
CA ARG A 732 20.83 32.61 4.27
C ARG A 732 21.69 32.60 3.02
N LEU A 733 22.05 31.43 2.52
CA LEU A 733 22.74 31.36 1.24
C LEU A 733 21.80 31.78 0.12
N ASP A 734 20.56 31.30 0.15
CA ASP A 734 19.61 31.68 -0.87
C ASP A 734 18.97 33.03 -0.61
N ALA A 735 18.95 33.51 0.64
CA ALA A 735 18.48 34.86 0.88
C ALA A 735 19.48 35.88 0.35
N LYS A 736 20.77 35.63 0.58
CA LYS A 736 21.80 36.53 0.04
C LYS A 736 21.87 36.42 -1.48
N LYS A 737 21.55 35.23 -2.02
CA LYS A 737 21.52 35.07 -3.47
C LYS A 737 20.36 35.85 -4.07
N PHE A 738 19.34 36.17 -3.28
CA PHE A 738 18.24 36.93 -3.84
C PHE A 738 18.37 38.43 -3.61
N VAL A 739 19.34 38.87 -2.83
CA VAL A 739 19.52 40.30 -2.56
C VAL A 739 20.75 40.84 -3.27
N THR A 740 21.93 40.29 -2.96
CA THR A 740 23.18 40.74 -3.56
C THR A 740 23.40 40.13 -4.93
N GLU A 741 22.58 39.15 -5.31
CA GLU A 741 22.62 38.58 -6.65
C GLU A 741 21.19 38.50 -7.15
N LEU A 742 21.06 38.10 -8.42
CA LEU A 742 19.79 37.88 -9.12
C LEU A 742 18.85 39.08 -8.97
N ARG A 743 19.29 40.19 -9.56
CA ARG A 743 19.03 41.51 -9.02
C ARG A 743 17.60 42.02 -9.20
N ARG A 744 16.62 41.19 -9.55
CA ARG A 744 15.26 41.67 -9.82
C ARG A 744 14.24 41.02 -8.91
N PRO A 745 13.97 41.60 -7.73
CA PRO A 745 12.84 41.19 -6.87
C PRO A 745 11.50 41.81 -7.30
N VAL A 746 10.85 41.12 -8.23
CA VAL A 746 9.75 41.66 -9.03
C VAL A 746 8.49 41.93 -8.20
N ALA A 747 8.36 41.29 -7.03
CA ALA A 747 7.13 41.18 -6.24
C ALA A 747 6.00 40.64 -7.11
N ILE A 748 6.19 39.39 -7.55
CA ILE A 748 5.26 38.74 -8.47
C ILE A 748 3.95 38.40 -7.78
N ARG A 749 4.03 37.76 -6.61
CA ARG A 749 2.91 37.47 -5.71
C ARG A 749 1.85 36.58 -6.36
N ALA A 750 2.28 35.57 -7.13
CA ALA A 750 1.35 34.57 -7.61
C ALA A 750 1.08 33.53 -6.52
N LYS A 751 0.23 32.57 -6.85
CA LYS A 751 -0.31 31.64 -5.86
C LYS A 751 0.26 30.25 -6.07
N ASP A 752 -0.24 29.30 -5.26
CA ASP A 752 -0.25 27.87 -5.57
C ASP A 752 1.10 27.21 -5.76
N ILE A 753 1.84 27.00 -4.66
CA ILE A 753 3.03 26.14 -4.68
C ILE A 753 2.67 24.68 -4.96
N GLY A 754 1.39 24.31 -4.89
CA GLY A 754 0.90 22.95 -4.96
C GLY A 754 1.31 22.04 -6.11
N ILE A 755 2.01 22.58 -7.11
CA ILE A 755 2.49 21.74 -8.20
C ILE A 755 3.66 20.89 -7.74
N TRP A 756 4.37 21.31 -6.68
CA TRP A 756 5.39 20.50 -6.05
C TRP A 756 4.85 19.76 -4.84
N TYR A 757 3.80 20.31 -4.21
CA TYR A 757 3.11 19.60 -3.14
C TYR A 757 2.42 18.35 -3.66
N ASN A 758 1.98 18.38 -4.92
CA ASN A 758 1.52 17.17 -5.57
C ASN A 758 2.66 16.19 -5.77
N ILE A 759 3.85 16.70 -6.07
CA ILE A 759 5.04 15.85 -6.14
C ILE A 759 5.41 15.38 -4.75
N LEU A 760 5.28 16.27 -3.76
CA LEU A 760 5.80 16.01 -2.42
C LEU A 760 5.01 14.91 -1.73
N ARG A 761 3.67 14.98 -1.84
CA ARG A 761 2.83 13.87 -1.41
C ARG A 761 3.13 12.61 -2.19
N GLY A 762 3.41 12.74 -3.49
CA GLY A 762 3.78 11.57 -4.26
C GLY A 762 5.12 11.01 -3.83
N VAL A 763 6.08 11.88 -3.55
CA VAL A 763 7.31 11.46 -2.89
C VAL A 763 6.99 10.92 -1.50
N GLY A 764 6.06 11.57 -0.81
CA GLY A 764 5.60 11.06 0.47
C GLY A 764 4.82 9.77 0.36
N LYS A 765 4.11 9.57 -0.75
CA LYS A 765 3.56 8.26 -1.02
C LYS A 765 4.66 7.27 -1.34
N LEU A 766 5.67 7.71 -2.08
CA LEU A 766 6.85 6.88 -2.29
C LEU A 766 7.67 6.72 -1.04
N ALA A 767 7.52 7.62 -0.05
CA ALA A 767 8.33 7.53 1.16
C ALA A 767 8.05 6.24 1.90
N VAL A 768 6.77 5.96 2.19
CA VAL A 768 6.39 4.75 2.90
C VAL A 768 6.59 3.49 2.06
N ILE A 769 6.72 3.61 0.75
CA ILE A 769 7.11 2.47 -0.06
C ILE A 769 8.60 2.24 0.03
N ILE A 770 9.38 3.27 -0.25
CA ILE A 770 10.80 3.09 -0.54
C ILE A 770 11.58 2.77 0.71
N ASN A 771 11.33 3.47 1.82
CA ASN A 771 12.13 3.18 2.99
C ASN A 771 11.71 1.86 3.63
N ALA A 772 10.47 1.46 3.42
CA ALA A 772 10.08 0.08 3.73
C ALA A 772 10.79 -0.92 2.86
N PHE A 773 11.14 -0.55 1.62
CA PHE A 773 12.08 -1.36 0.87
C PHE A 773 13.53 -1.03 1.19
N VAL A 774 13.79 -0.06 2.06
CA VAL A 774 15.15 0.11 2.56
C VAL A 774 15.32 -0.65 3.85
N ILE A 775 14.33 -0.51 4.74
CA ILE A 775 14.47 -1.00 6.10
C ILE A 775 14.25 -2.49 6.19
N SER A 776 13.52 -3.08 5.25
CA SER A 776 13.16 -4.49 5.35
C SER A 776 14.02 -5.32 4.43
N PHE A 777 15.29 -4.96 4.31
CA PHE A 777 16.30 -5.78 3.67
C PHE A 777 17.60 -5.75 4.47
N THR A 778 17.66 -4.93 5.53
CA THR A 778 18.84 -4.72 6.36
C THR A 778 18.59 -5.15 7.80
N SER A 779 17.53 -4.64 8.43
CA SER A 779 17.17 -4.95 9.81
C SER A 779 16.06 -5.98 9.91
N ASP A 780 15.96 -6.88 8.94
CA ASP A 780 15.07 -8.03 9.04
C ASP A 780 15.80 -9.32 8.72
N PHE A 781 17.11 -9.28 8.51
CA PHE A 781 17.92 -10.48 8.64
C PHE A 781 17.78 -11.05 10.03
N ILE A 782 18.06 -10.23 11.03
CA ILE A 782 18.26 -10.63 12.42
C ILE A 782 16.97 -10.82 13.23
N PRO A 783 15.95 -9.89 13.23
CA PRO A 783 14.81 -10.13 14.14
C PRO A 783 13.82 -11.19 13.66
N ARG A 784 14.19 -11.95 12.64
CA ARG A 784 13.62 -13.28 12.48
C ARG A 784 14.63 -14.37 12.79
N LEU A 785 15.93 -14.07 12.78
CA LEU A 785 16.91 -15.04 13.24
C LEU A 785 17.08 -15.02 14.74
N VAL A 786 16.39 -14.12 15.42
CA VAL A 786 15.88 -14.43 16.75
C VAL A 786 15.12 -15.75 16.71
N TYR A 787 14.23 -15.89 15.73
CA TYR A 787 13.25 -16.96 15.72
C TYR A 787 13.64 -18.14 14.81
N LEU A 788 14.94 -18.42 14.69
CA LEU A 788 15.39 -19.77 14.33
C LEU A 788 16.28 -20.42 15.38
N TYR A 789 17.41 -19.81 15.73
CA TYR A 789 18.38 -20.50 16.57
C TYR A 789 18.09 -20.37 18.05
N MET A 790 17.31 -19.36 18.46
CA MET A 790 16.90 -19.23 19.85
C MET A 790 15.58 -19.97 20.03
N TYR A 791 15.66 -21.29 19.90
CA TYR A 791 14.56 -22.19 20.23
C TYR A 791 14.45 -22.39 21.74
N SER A 792 15.59 -22.57 22.41
CA SER A 792 15.54 -22.91 23.83
C SER A 792 15.37 -21.67 24.69
N GLN A 793 16.37 -20.79 24.73
CA GLN A 793 16.32 -19.66 25.66
C GLN A 793 16.97 -18.43 25.03
N ASN A 794 16.17 -17.66 24.27
CA ASN A 794 15.93 -16.22 24.43
C ASN A 794 15.12 -15.62 23.29
N GLY A 795 14.76 -14.35 23.45
CA GLY A 795 14.32 -13.53 22.35
C GLY A 795 15.28 -12.38 22.08
N THR A 796 15.86 -11.84 23.15
CA THR A 796 16.72 -10.66 23.02
C THR A 796 18.12 -10.85 23.58
N MET A 797 18.26 -11.49 24.74
CA MET A 797 19.54 -11.49 25.46
C MET A 797 20.58 -12.36 24.77
N HIS A 798 20.25 -13.61 24.48
CA HIS A 798 21.00 -14.38 23.50
C HIS A 798 20.42 -14.27 22.11
N GLY A 799 19.55 -13.28 21.88
CA GLY A 799 19.14 -12.85 20.56
C GLY A 799 20.16 -12.00 19.84
N PHE A 800 21.26 -11.69 20.50
CA PHE A 800 22.42 -11.11 19.84
C PHE A 800 23.36 -12.17 19.30
N VAL A 801 23.20 -13.43 19.70
CA VAL A 801 24.06 -14.51 19.23
C VAL A 801 23.87 -14.77 17.74
N ASN A 802 22.72 -14.36 17.18
CA ASN A 802 22.43 -14.53 15.77
C ASN A 802 22.74 -13.28 14.97
N HIS A 803 23.73 -12.50 15.41
CA HIS A 803 24.51 -11.73 14.45
C HIS A 803 25.41 -12.67 13.65
N THR A 804 26.20 -13.48 14.37
CA THR A 804 27.33 -14.19 13.77
C THR A 804 26.88 -15.28 12.82
N LEU A 805 26.01 -16.16 13.30
CA LEU A 805 25.68 -17.39 12.57
C LEU A 805 24.91 -17.12 11.28
N SER A 806 24.30 -15.95 11.14
CA SER A 806 23.80 -15.52 9.84
C SER A 806 24.94 -15.35 8.83
N SER A 807 26.13 -14.94 9.28
CA SER A 807 27.30 -14.95 8.41
C SER A 807 27.94 -16.31 8.31
N PHE A 808 27.76 -17.16 9.32
CA PHE A 808 28.11 -18.56 9.16
C PHE A 808 27.09 -19.28 8.31
N ASN A 809 25.86 -18.75 8.22
CA ASN A 809 24.92 -19.25 7.22
C ASN A 809 25.46 -18.97 5.82
N VAL A 810 25.52 -17.69 5.39
CA VAL A 810 26.58 -16.94 4.70
C VAL A 810 25.98 -15.55 4.44
N SER A 811 26.79 -14.46 4.52
CA SER A 811 26.71 -13.19 3.76
C SER A 811 25.32 -12.78 3.27
N ASP A 812 24.41 -12.45 4.19
CA ASP A 812 22.96 -12.70 4.16
C ASP A 812 22.16 -12.42 2.89
N PHE A 813 22.73 -11.76 1.89
CA PHE A 813 22.01 -11.46 0.65
C PHE A 813 21.89 -12.71 -0.23
N GLN A 814 21.55 -12.48 -1.51
CA GLN A 814 21.43 -13.54 -2.51
C GLN A 814 22.71 -14.34 -2.69
N ASN A 815 23.87 -13.76 -2.37
CA ASN A 815 25.13 -14.49 -2.29
C ASN A 815 25.19 -15.44 -1.10
N GLY A 816 24.29 -15.30 -0.13
CA GLY A 816 24.53 -15.85 1.18
C GLY A 816 23.58 -16.88 1.75
N THR A 817 22.36 -16.95 1.23
CA THR A 817 21.39 -17.94 1.64
C THR A 817 21.43 -19.18 0.75
N ALA A 818 22.20 -19.11 -0.30
CA ALA A 818 22.47 -20.19 -1.25
C ALA A 818 23.51 -21.27 -0.87
N PRO A 819 24.71 -20.97 -0.24
CA PRO A 819 25.79 -21.97 -0.32
C PRO A 819 25.82 -23.09 0.70
N ASN A 820 24.74 -23.42 1.39
CA ASN A 820 24.85 -24.55 2.32
C ASN A 820 24.66 -25.90 1.65
N ASP A 821 24.62 -25.94 0.31
CA ASP A 821 24.57 -27.19 -0.43
C ASP A 821 25.86 -28.01 -0.34
N PRO A 822 27.07 -27.42 -0.27
CA PRO A 822 28.23 -28.25 0.16
C PRO A 822 28.21 -28.66 1.63
N LEU A 823 27.26 -28.21 2.45
CA LEU A 823 27.11 -28.83 3.76
C LEU A 823 26.18 -30.03 3.72
N ASP A 824 25.06 -29.92 3.01
CA ASP A 824 23.99 -30.90 3.08
C ASP A 824 23.91 -31.84 1.89
N LEU A 825 24.25 -31.34 0.69
CA LEU A 825 24.16 -32.06 -0.59
C LEU A 825 22.74 -32.57 -0.85
N LYS A 846 22.08 -23.56 -3.01
CA LYS A 846 21.31 -23.22 -4.19
C LYS A 846 20.23 -24.25 -4.47
N TYR A 847 20.41 -25.46 -3.96
CA TYR A 847 19.49 -26.57 -4.23
C TYR A 847 18.27 -26.46 -3.32
N ASP A 848 18.52 -26.53 -2.01
CA ASP A 848 17.43 -26.54 -1.04
C ASP A 848 17.55 -25.43 -0.01
N ILE A 849 18.78 -24.97 0.28
CA ILE A 849 18.93 -24.03 1.38
C ILE A 849 18.63 -22.61 0.92
N SER A 850 18.52 -22.39 -0.39
CA SER A 850 18.03 -21.09 -0.86
C SER A 850 16.53 -20.91 -0.64
N LYS A 851 15.87 -21.84 0.06
CA LYS A 851 14.48 -21.73 0.47
C LYS A 851 14.31 -21.01 1.80
N ASP A 852 15.37 -20.91 2.61
CA ASP A 852 15.30 -20.01 3.76
C ASP A 852 15.46 -18.56 3.35
N PHE A 853 15.93 -18.31 2.12
CA PHE A 853 15.89 -16.98 1.55
C PHE A 853 14.48 -16.47 1.43
N TRP A 854 13.54 -17.34 1.04
CA TRP A 854 12.15 -16.96 0.87
C TRP A 854 11.52 -16.58 2.20
N ALA A 855 11.96 -17.22 3.28
CA ALA A 855 11.39 -16.99 4.60
C ALA A 855 11.65 -15.57 5.06
N VAL A 856 12.87 -15.08 4.84
CA VAL A 856 13.12 -13.67 5.05
C VAL A 856 12.34 -12.85 4.06
N LEU A 857 12.38 -13.25 2.78
CA LEU A 857 11.70 -12.52 1.71
C LEU A 857 10.20 -12.52 1.89
N ALA A 858 9.67 -13.53 2.59
CA ALA A 858 8.32 -13.40 3.13
C ALA A 858 8.24 -12.22 4.09
N ALA A 859 9.05 -12.26 5.16
CA ALA A 859 9.00 -11.23 6.19
C ALA A 859 9.53 -9.89 5.69
N ARG A 860 10.39 -9.91 4.68
CA ARG A 860 10.73 -8.68 3.98
C ARG A 860 9.48 -8.06 3.39
N LEU A 861 8.76 -8.85 2.60
CA LEU A 861 7.51 -8.38 2.02
C LEU A 861 6.42 -8.26 3.06
N ALA A 862 6.48 -9.07 4.12
CA ALA A 862 5.45 -8.96 5.16
C ALA A 862 5.64 -7.69 5.97
N PHE A 863 6.87 -7.21 6.11
CA PHE A 863 7.08 -5.98 6.86
C PHE A 863 6.53 -4.79 6.10
N VAL A 864 6.75 -4.76 4.78
CA VAL A 864 6.33 -3.63 3.97
C VAL A 864 4.82 -3.54 3.94
N ILE A 865 4.17 -4.68 3.76
CA ILE A 865 2.73 -4.72 3.67
C ILE A 865 2.10 -4.44 5.03
N VAL A 866 2.84 -4.67 6.12
CA VAL A 866 2.43 -4.13 7.41
C VAL A 866 2.74 -2.64 7.47
N PHE A 867 3.89 -2.24 6.91
CA PHE A 867 4.37 -0.87 7.05
C PHE A 867 3.48 0.10 6.28
N GLN A 868 3.40 -0.05 4.95
CA GLN A 868 2.66 0.92 4.14
C GLN A 868 1.16 0.82 4.31
N ASN A 869 0.68 -0.08 5.15
CA ASN A 869 -0.72 -0.11 5.57
C ASN A 869 -0.91 0.52 6.94
N LEU A 870 -0.04 0.19 7.91
CA LEU A 870 -0.11 0.87 9.21
C LEU A 870 0.27 2.32 9.10
N VAL A 871 1.38 2.62 8.41
CA VAL A 871 1.84 4.00 8.33
C VAL A 871 0.97 4.82 7.40
N MET A 872 0.23 4.19 6.50
CA MET A 872 -0.84 4.92 5.84
C MET A 872 -2.11 4.94 6.68
N PHE A 873 -2.17 4.12 7.73
CA PHE A 873 -3.27 4.27 8.69
C PHE A 873 -2.87 5.18 9.85
N MET A 874 -1.61 5.15 10.26
CA MET A 874 -1.13 6.11 11.24
C MET A 874 -1.20 7.53 10.68
N SER A 875 -0.92 7.67 9.38
CA SER A 875 -1.12 8.96 8.74
C SER A 875 -2.58 9.23 8.44
N ASP A 876 -3.47 8.25 8.59
CA ASP A 876 -4.88 8.57 8.52
C ASP A 876 -5.36 9.24 9.80
N PHE A 877 -4.65 9.01 10.91
CA PHE A 877 -4.91 9.78 12.13
C PHE A 877 -4.51 11.24 11.93
N VAL A 878 -3.28 11.45 11.48
CA VAL A 878 -2.67 12.77 11.48
C VAL A 878 -3.31 13.67 10.43
N ASP A 879 -3.91 13.08 9.39
CA ASP A 879 -4.61 13.87 8.38
C ASP A 879 -5.91 14.47 8.90
N TRP A 880 -6.43 13.97 10.02
CA TRP A 880 -7.66 14.48 10.61
C TRP A 880 -7.44 15.27 11.89
N VAL A 881 -6.32 15.07 12.58
CA VAL A 881 -6.10 15.71 13.87
C VAL A 881 -5.78 17.19 13.69
N ILE A 882 -4.85 17.51 12.80
CA ILE A 882 -4.29 18.86 12.72
C ILE A 882 -5.23 19.93 12.17
N PRO A 883 -5.82 19.85 10.96
CA PRO A 883 -6.44 21.06 10.38
C PRO A 883 -7.78 21.45 10.99
N ASP A 884 -8.23 20.82 12.08
CA ASP A 884 -9.43 21.25 12.77
C ASP A 884 -9.15 21.47 14.25
N ASN B 292 -50.59 20.61 -6.00
CA ASN B 292 -50.07 19.37 -6.55
C ASN B 292 -49.47 18.50 -5.46
N VAL B 293 -49.95 18.67 -4.23
CA VAL B 293 -49.50 17.84 -3.12
C VAL B 293 -49.94 16.40 -3.32
N GLU B 294 -51.16 16.22 -3.85
CA GLU B 294 -51.57 14.92 -4.33
C GLU B 294 -50.71 14.46 -5.50
N PHE B 295 -50.40 15.37 -6.42
CA PHE B 295 -49.58 15.01 -7.57
C PHE B 295 -48.12 14.87 -7.20
N ASN B 296 -47.70 15.46 -6.08
CA ASN B 296 -46.43 15.09 -5.48
C ASN B 296 -46.42 13.63 -5.08
N ASP B 297 -47.53 13.15 -4.52
CA ASP B 297 -47.63 11.72 -4.25
C ASP B 297 -47.73 10.92 -5.53
N ARG B 298 -48.56 11.37 -6.48
CA ARG B 298 -48.93 10.56 -7.64
C ARG B 298 -47.77 10.37 -8.61
N LYS B 299 -47.03 11.46 -8.90
CA LYS B 299 -45.86 11.34 -9.76
C LYS B 299 -44.77 10.49 -9.11
N LEU B 300 -44.78 10.40 -7.78
CA LEU B 300 -43.91 9.49 -7.06
C LEU B 300 -44.61 8.19 -6.69
N LEU B 301 -45.94 8.14 -6.79
CA LEU B 301 -46.62 6.85 -6.87
C LEU B 301 -46.36 6.22 -8.23
N TYR B 302 -46.77 6.88 -9.32
CA TYR B 302 -46.88 6.20 -10.61
C TYR B 302 -45.51 5.98 -11.26
N GLU B 303 -44.66 7.00 -11.31
CA GLU B 303 -43.35 6.82 -11.95
C GLU B 303 -42.40 6.04 -11.08
N GLU B 304 -42.73 5.84 -9.79
CA GLU B 304 -41.94 5.06 -8.86
C GLU B 304 -42.82 3.97 -8.26
N TRP B 305 -43.46 3.21 -9.15
CA TRP B 305 -44.43 2.18 -8.78
C TRP B 305 -43.91 0.77 -8.89
N ALA B 306 -43.16 0.47 -9.96
CA ALA B 306 -43.22 -0.82 -10.64
C ALA B 306 -42.91 -2.01 -9.74
N SER B 307 -41.71 -2.02 -9.15
CA SER B 307 -41.23 -2.98 -8.16
C SER B 307 -41.20 -4.44 -8.64
N TYR B 308 -41.43 -4.69 -9.93
CA TYR B 308 -41.19 -5.98 -10.55
C TYR B 308 -39.87 -5.98 -11.29
N GLY B 309 -39.44 -4.81 -11.76
CA GLY B 309 -38.22 -4.65 -12.51
C GLY B 309 -37.93 -3.18 -12.69
N VAL B 310 -37.47 -2.79 -13.89
CA VAL B 310 -37.19 -1.39 -14.17
C VAL B 310 -38.51 -0.61 -14.22
N PHE B 311 -38.44 0.69 -13.98
CA PHE B 311 -39.60 1.54 -14.21
C PHE B 311 -39.93 1.58 -15.70
N TYR B 312 -38.91 1.52 -16.55
CA TYR B 312 -38.91 1.52 -18.01
C TYR B 312 -39.44 2.81 -18.63
N LYS B 313 -39.73 3.84 -17.84
CA LYS B 313 -39.98 5.16 -18.41
C LYS B 313 -38.66 5.94 -18.39
N TYR B 314 -38.16 6.24 -17.19
CA TYR B 314 -36.92 6.97 -16.96
C TYR B 314 -36.42 6.66 -15.55
N GLN B 315 -35.47 7.46 -15.07
CA GLN B 315 -35.12 7.49 -13.65
C GLN B 315 -35.20 8.95 -13.21
N PRO B 316 -36.28 9.38 -12.60
CA PRO B 316 -36.43 10.80 -12.25
C PRO B 316 -35.78 11.17 -10.93
N ILE B 317 -34.44 11.26 -10.93
CA ILE B 317 -33.71 11.66 -9.73
C ILE B 317 -34.01 13.11 -9.40
N ASP B 318 -34.21 13.95 -10.42
CA ASP B 318 -34.56 15.35 -10.19
C ASP B 318 -35.90 15.48 -9.49
N LEU B 319 -36.86 14.64 -9.86
CA LEU B 319 -38.19 14.69 -9.26
C LEU B 319 -38.14 14.33 -7.79
N VAL B 320 -37.24 13.42 -7.41
CA VAL B 320 -36.99 13.16 -6.00
C VAL B 320 -36.40 14.39 -5.32
N ARG B 321 -35.46 15.06 -5.99
CA ARG B 321 -34.95 16.31 -5.43
C ARG B 321 -35.94 17.46 -5.61
N LYS B 322 -36.87 17.34 -6.56
CA LYS B 322 -37.97 18.29 -6.62
C LYS B 322 -38.89 18.14 -5.40
N TYR B 323 -38.98 16.95 -4.83
CA TYR B 323 -39.90 16.76 -3.71
C TYR B 323 -39.21 16.32 -2.42
N PHE B 324 -38.45 15.23 -2.44
CA PHE B 324 -38.11 14.56 -1.20
C PHE B 324 -37.03 15.24 -0.37
N GLY B 325 -35.99 15.77 -0.99
CA GLY B 325 -34.95 16.41 -0.20
C GLY B 325 -33.54 15.92 -0.46
N GLU B 326 -32.56 16.83 -0.33
CA GLU B 326 -31.19 16.57 -0.71
C GLU B 326 -30.50 15.55 0.18
N LYS B 327 -31.04 15.32 1.37
CA LYS B 327 -30.62 14.16 2.14
C LYS B 327 -31.21 12.89 1.54
N VAL B 328 -32.52 12.93 1.25
CA VAL B 328 -33.21 11.76 0.70
C VAL B 328 -32.83 11.55 -0.76
N GLY B 329 -32.67 12.64 -1.52
CA GLY B 329 -32.37 12.51 -2.93
C GLY B 329 -30.97 12.03 -3.22
N LEU B 330 -30.00 12.42 -2.41
CA LEU B 330 -28.62 12.01 -2.66
C LEU B 330 -28.38 10.56 -2.26
N TYR B 331 -29.35 9.94 -1.57
CA TYR B 331 -29.32 8.49 -1.46
C TYR B 331 -29.75 7.83 -2.77
N PHE B 332 -30.79 8.37 -3.39
CA PHE B 332 -31.23 7.80 -4.66
C PHE B 332 -30.32 8.21 -5.80
N ALA B 333 -29.75 9.41 -5.73
CA ALA B 333 -28.80 9.85 -6.73
C ALA B 333 -27.56 8.97 -6.73
N TRP B 334 -27.14 8.56 -5.54
CA TRP B 334 -26.03 7.62 -5.43
C TRP B 334 -26.46 6.25 -5.91
N LEU B 335 -27.61 5.77 -5.45
CA LEU B 335 -28.08 4.44 -5.82
C LEU B 335 -28.54 4.40 -7.27
N GLY B 336 -28.87 5.54 -7.85
CA GLY B 336 -28.99 5.59 -9.29
C GLY B 336 -27.65 5.48 -9.99
N ALA B 337 -26.65 6.24 -9.52
CA ALA B 337 -25.33 6.19 -10.12
C ALA B 337 -24.65 4.85 -9.86
N TYR B 338 -24.93 4.24 -8.71
CA TYR B 338 -24.39 2.93 -8.40
C TYR B 338 -25.02 1.87 -9.29
N THR B 339 -26.30 2.01 -9.58
CA THR B 339 -26.97 1.06 -10.47
C THR B 339 -26.47 1.21 -11.91
N GLN B 340 -26.32 2.45 -12.37
CA GLN B 340 -25.86 2.69 -13.73
C GLN B 340 -24.43 2.23 -13.95
N MET B 341 -23.57 2.39 -12.94
CA MET B 341 -22.18 1.99 -13.07
C MET B 341 -21.97 0.50 -12.80
N LEU B 342 -22.96 -0.19 -12.27
CA LEU B 342 -22.87 -1.64 -12.24
C LEU B 342 -23.15 -2.27 -13.60
N ILE B 343 -23.84 -1.54 -14.48
CA ILE B 343 -24.10 -2.06 -15.84
C ILE B 343 -22.83 -2.33 -16.64
N PRO B 344 -21.81 -1.46 -16.66
CA PRO B 344 -20.55 -1.90 -17.29
C PRO B 344 -19.86 -3.00 -16.53
N ALA B 345 -20.02 -3.03 -15.22
CA ALA B 345 -19.40 -4.07 -14.44
C ALA B 345 -20.11 -5.41 -14.59
N SER B 346 -21.44 -5.39 -14.72
CA SER B 346 -22.19 -6.63 -14.81
C SER B 346 -22.04 -7.30 -16.17
N ILE B 347 -21.89 -6.49 -17.22
CA ILE B 347 -21.73 -7.04 -18.57
C ILE B 347 -20.42 -7.81 -18.68
N VAL B 348 -19.35 -7.22 -18.16
CA VAL B 348 -18.06 -7.89 -18.18
C VAL B 348 -18.08 -9.11 -17.25
N GLY B 349 -18.87 -9.07 -16.19
CA GLY B 349 -19.08 -10.25 -15.38
C GLY B 349 -19.76 -11.37 -16.15
N VAL B 350 -20.59 -11.02 -17.15
CA VAL B 350 -21.11 -12.02 -18.06
C VAL B 350 -20.03 -12.44 -19.05
N ILE B 351 -19.19 -11.50 -19.48
CA ILE B 351 -18.12 -11.83 -20.42
C ILE B 351 -17.06 -12.68 -19.73
N VAL B 352 -16.75 -12.37 -18.47
CA VAL B 352 -15.88 -13.24 -17.69
C VAL B 352 -16.56 -14.57 -17.42
N PHE B 353 -17.88 -14.58 -17.27
CA PHE B 353 -18.59 -15.85 -17.34
C PHE B 353 -18.47 -16.47 -18.73
N LEU B 354 -18.59 -15.67 -19.79
CA LEU B 354 -18.49 -16.23 -21.14
C LEU B 354 -17.06 -16.68 -21.44
N TYR B 355 -16.06 -15.89 -21.04
CA TYR B 355 -14.68 -16.36 -21.15
C TYR B 355 -14.41 -17.48 -20.16
N GLY B 356 -15.16 -17.51 -19.06
CA GLY B 356 -15.16 -18.70 -18.23
C GLY B 356 -15.77 -19.87 -18.96
N CYS B 357 -17.04 -19.75 -19.36
CA CYS B 357 -17.80 -20.90 -19.88
C CYS B 357 -17.24 -21.41 -21.20
N ALA B 358 -17.03 -20.51 -22.16
CA ALA B 358 -16.70 -20.93 -23.52
C ALA B 358 -15.26 -21.45 -23.60
N THR B 359 -14.30 -20.71 -23.07
CA THR B 359 -12.90 -21.08 -23.21
C THR B 359 -12.49 -22.29 -22.38
N VAL B 360 -13.38 -22.82 -21.55
CA VAL B 360 -13.13 -24.03 -20.80
C VAL B 360 -14.03 -25.18 -21.28
N ASP B 361 -15.10 -24.87 -22.02
CA ASP B 361 -15.83 -25.93 -22.69
C ASP B 361 -15.30 -26.23 -24.09
N GLU B 362 -14.82 -25.21 -24.83
CA GLU B 362 -14.41 -25.43 -26.21
C GLU B 362 -13.06 -26.13 -26.29
N ASN B 363 -12.01 -25.49 -25.80
CA ASN B 363 -10.67 -26.08 -25.86
C ASN B 363 -10.43 -27.08 -24.76
N ILE B 364 -11.37 -27.19 -23.82
CA ILE B 364 -11.37 -27.93 -22.55
C ILE B 364 -9.98 -28.00 -21.88
N PRO B 365 -9.36 -26.86 -21.52
CA PRO B 365 -8.01 -26.95 -20.94
C PRO B 365 -7.99 -27.05 -19.41
N SER B 366 -9.10 -26.66 -18.77
CA SER B 366 -9.18 -26.64 -17.31
C SER B 366 -10.48 -27.25 -16.82
N MET B 367 -11.06 -28.16 -17.60
CA MET B 367 -11.94 -29.17 -17.03
C MET B 367 -11.19 -30.47 -16.87
N GLU B 368 -10.57 -30.95 -17.96
CA GLU B 368 -9.79 -32.18 -17.97
C GLU B 368 -8.70 -32.16 -16.91
N MET B 369 -7.89 -31.11 -16.93
CA MET B 369 -6.84 -30.92 -15.94
C MET B 369 -7.40 -30.67 -14.55
N CYS B 370 -8.65 -30.25 -14.44
CA CYS B 370 -9.24 -29.97 -13.14
C CYS B 370 -10.17 -31.07 -12.66
N ASP B 371 -10.82 -31.81 -13.57
CA ASP B 371 -11.52 -33.01 -13.15
C ASP B 371 -10.53 -34.12 -12.82
N GLN B 372 -9.46 -34.24 -13.60
CA GLN B 372 -8.46 -35.26 -13.29
C GLN B 372 -7.45 -34.79 -12.26
N ARG B 373 -7.50 -33.52 -11.85
CA ARG B 373 -6.92 -33.17 -10.56
C ARG B 373 -7.67 -33.87 -9.44
N TYR B 374 -8.98 -33.68 -9.38
CA TYR B 374 -9.81 -34.19 -8.30
C TYR B 374 -10.12 -35.67 -8.43
N ASN B 375 -9.81 -36.28 -9.56
CA ASN B 375 -9.80 -37.74 -9.62
C ASN B 375 -8.62 -38.33 -8.86
N ILE B 376 -7.60 -37.53 -8.58
CA ILE B 376 -6.44 -37.99 -7.83
C ILE B 376 -6.61 -37.75 -6.33
N THR B 377 -7.34 -36.71 -5.94
CA THR B 377 -7.41 -36.21 -4.56
C THR B 377 -8.09 -37.16 -3.57
N MET B 378 -8.49 -38.35 -3.99
CA MET B 378 -9.01 -39.37 -3.12
C MET B 378 -8.36 -40.72 -3.39
N CYS B 379 -7.28 -40.76 -4.16
CA CYS B 379 -6.68 -42.04 -4.50
C CYS B 379 -5.98 -42.72 -3.32
N PRO B 380 -5.42 -42.00 -2.34
CA PRO B 380 -5.18 -42.64 -1.04
C PRO B 380 -6.36 -42.58 -0.08
N LEU B 381 -7.56 -42.18 -0.51
CA LEU B 381 -8.74 -42.35 0.34
C LEU B 381 -9.46 -43.67 0.06
N CYS B 382 -9.26 -44.28 -1.12
CA CYS B 382 -10.10 -45.37 -1.58
C CYS B 382 -9.91 -46.65 -0.77
N ASP B 383 -8.76 -47.31 -0.95
CA ASP B 383 -8.33 -48.56 -0.32
C ASP B 383 -9.44 -49.57 -0.05
N LYS B 384 -10.31 -49.77 -1.04
CA LYS B 384 -11.50 -50.62 -1.04
C LYS B 384 -12.51 -50.28 0.06
N THR B 385 -12.51 -49.06 0.61
CA THR B 385 -13.54 -48.60 1.54
C THR B 385 -13.97 -47.21 1.14
N CYS B 386 -15.17 -47.10 0.55
CA CYS B 386 -15.77 -45.84 0.06
C CYS B 386 -14.86 -45.15 -0.95
N SER B 387 -14.68 -45.82 -2.08
CA SER B 387 -13.58 -45.50 -2.98
C SER B 387 -13.82 -44.24 -3.83
N TYR B 388 -14.83 -44.26 -4.69
CA TYR B 388 -14.92 -43.26 -5.76
C TYR B 388 -16.12 -42.32 -5.64
N TRP B 389 -16.37 -41.79 -4.45
CA TRP B 389 -17.62 -41.05 -4.20
C TRP B 389 -17.52 -39.56 -4.47
N LYS B 390 -16.64 -38.85 -3.76
CA LYS B 390 -16.66 -37.40 -3.72
C LYS B 390 -15.93 -36.76 -4.89
N MET B 391 -15.23 -37.57 -5.68
CA MET B 391 -14.59 -37.10 -6.92
C MET B 391 -15.59 -36.46 -7.86
N SER B 392 -16.74 -37.09 -8.06
CA SER B 392 -17.76 -36.56 -8.95
C SER B 392 -18.40 -35.30 -8.38
N SER B 393 -18.45 -35.18 -7.05
CA SER B 393 -18.79 -33.91 -6.44
C SER B 393 -17.68 -32.90 -6.68
N ALA B 394 -16.44 -33.34 -6.53
CA ALA B 394 -15.31 -32.45 -6.72
C ALA B 394 -15.15 -32.06 -8.18
N CYS B 395 -15.46 -32.97 -9.10
CA CYS B 395 -15.40 -32.65 -10.52
C CYS B 395 -16.51 -31.70 -10.97
N ALA B 396 -17.52 -31.48 -10.14
CA ALA B 396 -18.58 -30.51 -10.44
C ALA B 396 -18.33 -29.17 -9.79
N THR B 397 -17.65 -29.15 -8.64
CA THR B 397 -17.20 -27.90 -8.05
C THR B 397 -16.14 -27.24 -8.91
N ALA B 398 -15.27 -28.04 -9.53
CA ALA B 398 -14.21 -27.50 -10.37
C ALA B 398 -14.76 -26.94 -11.67
N ARG B 399 -15.96 -27.35 -12.08
CA ARG B 399 -16.58 -26.75 -13.26
C ARG B 399 -16.99 -25.31 -13.00
N ALA B 400 -17.27 -24.96 -11.76
CA ALA B 400 -17.60 -23.58 -11.44
C ALA B 400 -16.38 -22.84 -10.95
N SER B 401 -15.64 -23.42 -10.01
CA SER B 401 -14.50 -22.76 -9.40
C SER B 401 -13.35 -22.63 -10.38
N HIS B 402 -12.84 -23.75 -10.87
CA HIS B 402 -11.66 -23.79 -11.75
C HIS B 402 -11.98 -23.50 -13.21
N LEU B 403 -13.14 -22.91 -13.43
CA LEU B 403 -13.49 -22.37 -14.73
C LEU B 403 -12.67 -21.13 -15.04
N PHE B 404 -12.27 -20.40 -14.00
CA PHE B 404 -11.87 -19.01 -14.12
C PHE B 404 -10.38 -18.76 -13.92
N ASP B 405 -9.78 -19.44 -12.92
CA ASP B 405 -8.86 -18.84 -11.95
C ASP B 405 -7.89 -17.79 -12.45
N ASN B 406 -7.03 -18.15 -13.38
CA ASN B 406 -5.90 -17.26 -13.59
C ASN B 406 -6.19 -16.08 -14.53
N PRO B 407 -6.85 -16.23 -15.70
CA PRO B 407 -7.16 -15.01 -16.46
C PRO B 407 -8.41 -14.30 -16.01
N ALA B 408 -9.42 -15.07 -15.61
CA ALA B 408 -10.78 -14.53 -15.54
C ALA B 408 -11.05 -13.78 -14.25
N THR B 409 -10.67 -14.37 -13.13
CA THR B 409 -10.78 -13.67 -11.85
C THR B 409 -9.90 -12.44 -11.82
N VAL B 410 -8.65 -12.58 -12.29
CA VAL B 410 -7.63 -11.58 -12.06
C VAL B 410 -7.88 -10.34 -12.89
N PHE B 411 -8.22 -10.51 -14.17
CA PHE B 411 -8.40 -9.35 -15.05
C PHE B 411 -9.61 -8.52 -14.63
N PHE B 412 -10.64 -9.17 -14.10
CA PHE B 412 -11.81 -8.41 -13.72
C PHE B 412 -11.59 -7.68 -12.41
N SER B 413 -10.79 -8.26 -11.52
CA SER B 413 -10.54 -7.66 -10.22
C SER B 413 -9.75 -6.38 -10.35
N VAL B 414 -8.66 -6.43 -11.11
CA VAL B 414 -7.88 -5.25 -11.46
C VAL B 414 -8.75 -4.23 -12.17
N PHE B 415 -9.68 -4.72 -12.99
CA PHE B 415 -10.68 -3.84 -13.58
C PHE B 415 -11.58 -3.24 -12.50
N MET B 416 -12.12 -4.08 -11.62
CA MET B 416 -13.12 -3.61 -10.67
C MET B 416 -12.54 -2.73 -9.59
N ALA B 417 -11.34 -3.07 -9.10
CA ALA B 417 -10.66 -2.19 -8.15
C ALA B 417 -10.31 -0.86 -8.79
N LEU B 418 -9.99 -0.86 -10.07
CA LEU B 418 -9.90 0.40 -10.80
C LEU B 418 -11.28 1.01 -10.98
N TRP B 419 -12.28 0.17 -11.29
CA TRP B 419 -13.65 0.65 -11.47
C TRP B 419 -14.21 1.21 -10.18
N ALA B 420 -13.95 0.54 -9.05
CA ALA B 420 -14.42 1.07 -7.77
C ALA B 420 -13.75 2.39 -7.46
N ALA B 421 -12.47 2.51 -7.79
CA ALA B 421 -11.79 3.80 -7.74
C ALA B 421 -12.35 4.75 -8.79
N THR B 422 -12.72 4.24 -9.95
CA THR B 422 -13.40 5.08 -10.94
C THR B 422 -14.78 5.47 -10.45
N PHE B 423 -15.51 4.52 -9.88
CA PHE B 423 -16.81 4.82 -9.29
C PHE B 423 -16.66 5.75 -8.09
N MET B 424 -15.56 5.62 -7.35
CA MET B 424 -15.24 6.62 -6.35
C MET B 424 -14.99 7.97 -7.00
N GLU B 425 -14.32 7.96 -8.15
CA GLU B 425 -14.04 9.21 -8.85
C GLU B 425 -15.26 9.74 -9.57
N HIS B 426 -16.05 8.84 -10.20
CA HIS B 426 -17.22 9.28 -10.93
C HIS B 426 -18.30 9.82 -10.01
N TRP B 427 -18.46 9.22 -8.83
CA TRP B 427 -19.39 9.80 -7.87
C TRP B 427 -18.85 11.10 -7.30
N LYS B 428 -17.52 11.21 -7.18
CA LYS B 428 -16.92 12.47 -6.73
C LYS B 428 -17.16 13.58 -7.75
N ARG B 429 -17.11 13.24 -9.03
CA ARG B 429 -17.53 14.21 -10.05
C ARG B 429 -19.04 14.39 -10.04
N LYS B 430 -19.77 13.31 -9.72
CA LYS B 430 -21.21 13.45 -9.59
C LYS B 430 -21.58 14.26 -8.36
N GLN B 431 -20.81 14.12 -7.27
CA GLN B 431 -20.93 15.05 -6.15
C GLN B 431 -20.63 16.48 -6.60
N MET B 432 -19.61 16.64 -7.45
CA MET B 432 -19.32 17.95 -8.02
C MET B 432 -20.25 18.33 -9.16
N ARG B 433 -21.29 17.53 -9.44
CA ARG B 433 -22.33 17.89 -10.39
C ARG B 433 -23.71 17.89 -9.75
N LEU B 434 -23.98 16.99 -8.80
CA LEU B 434 -25.28 16.95 -8.14
C LEU B 434 -25.32 17.85 -6.92
N ASN B 435 -24.32 17.77 -6.04
CA ASN B 435 -24.29 18.70 -4.92
C ASN B 435 -23.95 20.10 -5.39
N TYR B 436 -23.20 20.22 -6.49
CA TYR B 436 -22.99 21.53 -7.11
C TYR B 436 -24.31 22.09 -7.65
N ARG B 437 -25.15 21.24 -8.23
CA ARG B 437 -26.50 21.67 -8.57
C ARG B 437 -27.33 21.89 -7.31
N TRP B 438 -27.05 21.14 -6.25
CA TRP B 438 -27.79 21.30 -5.01
C TRP B 438 -27.35 22.51 -4.19
N ASP B 439 -26.06 22.87 -4.25
CA ASP B 439 -25.60 24.04 -3.52
C ASP B 439 -26.10 25.33 -4.14
N LEU B 440 -26.37 25.33 -5.45
CA LEU B 440 -26.95 26.51 -6.09
C LEU B 440 -28.41 26.69 -5.72
N THR B 441 -29.15 25.59 -5.60
CA THR B 441 -30.56 25.67 -5.24
C THR B 441 -30.79 25.96 -3.76
N GLY B 442 -29.73 25.94 -2.95
CA GLY B 442 -29.90 26.17 -1.52
C GLY B 442 -30.13 27.61 -1.13
N PHE B 443 -29.85 28.55 -2.03
CA PHE B 443 -30.02 29.97 -1.72
C PHE B 443 -31.49 30.35 -1.63
N ILE B 493 -15.99 5.16 28.84
CA ILE B 493 -14.89 5.62 28.01
C ILE B 493 -14.89 4.87 26.69
N ILE B 494 -13.92 5.20 25.82
CA ILE B 494 -13.82 4.57 24.51
C ILE B 494 -13.31 3.15 24.58
N PHE B 495 -12.77 2.72 25.73
CA PHE B 495 -12.40 1.32 25.90
C PHE B 495 -13.62 0.41 26.01
N MET B 496 -14.79 0.98 26.31
CA MET B 496 -16.02 0.19 26.29
C MET B 496 -16.38 -0.22 24.85
N ILE B 497 -16.06 0.63 23.87
CA ILE B 497 -16.30 0.27 22.47
C ILE B 497 -15.36 -0.85 22.05
N ALA B 498 -14.07 -0.71 22.35
CA ALA B 498 -13.10 -1.75 22.07
C ALA B 498 -13.36 -3.02 22.87
N VAL B 499 -14.05 -2.90 24.01
CA VAL B 499 -14.54 -4.09 24.69
C VAL B 499 -15.63 -4.76 23.86
N THR B 500 -16.54 -3.96 23.28
CA THR B 500 -17.66 -4.54 22.55
C THR B 500 -17.24 -5.10 21.21
N PHE B 501 -16.15 -4.62 20.62
CA PHE B 501 -15.70 -5.22 19.38
C PHE B 501 -15.07 -6.57 19.63
N ALA B 502 -14.30 -6.69 20.70
CA ALA B 502 -13.82 -7.99 21.14
C ALA B 502 -14.97 -8.92 21.50
N ILE B 503 -16.08 -8.37 21.99
CA ILE B 503 -17.31 -9.14 22.08
C ILE B 503 -17.80 -9.52 20.69
N VAL B 504 -17.94 -8.53 19.80
CA VAL B 504 -18.60 -8.75 18.52
C VAL B 504 -17.73 -9.60 17.59
N LEU B 505 -16.42 -9.32 17.56
CA LEU B 505 -15.51 -10.22 16.86
C LEU B 505 -15.33 -11.53 17.62
N GLY B 506 -15.64 -11.55 18.91
CA GLY B 506 -15.72 -12.82 19.60
C GLY B 506 -16.98 -13.58 19.24
N VAL B 507 -17.95 -12.89 18.65
CA VAL B 507 -19.18 -13.54 18.20
C VAL B 507 -18.86 -14.06 16.79
N ILE B 508 -18.19 -15.22 16.77
CA ILE B 508 -17.91 -15.97 15.54
C ILE B 508 -18.35 -17.42 15.66
N ILE B 509 -18.33 -17.99 16.87
CA ILE B 509 -18.89 -19.33 17.11
C ILE B 509 -20.39 -19.32 16.85
N TYR B 510 -21.01 -18.16 17.07
CA TYR B 510 -22.36 -17.87 16.60
C TYR B 510 -22.54 -18.12 15.11
N ARG B 511 -21.53 -17.84 14.29
CA ARG B 511 -21.61 -18.29 12.90
C ARG B 511 -21.44 -19.80 12.84
N ILE B 512 -20.54 -20.34 13.66
CA ILE B 512 -20.24 -21.77 13.60
C ILE B 512 -21.41 -22.58 14.17
N SER B 513 -22.16 -21.97 15.11
CA SER B 513 -23.40 -22.61 15.59
C SER B 513 -24.43 -22.66 14.48
N THR B 514 -24.59 -21.57 13.74
CA THR B 514 -25.47 -21.57 12.58
C THR B 514 -24.92 -22.44 11.47
N ALA B 515 -23.59 -22.55 11.37
CA ALA B 515 -23.01 -23.54 10.48
C ALA B 515 -23.22 -24.95 10.98
N ALA B 516 -23.46 -25.11 12.29
CA ALA B 516 -23.86 -26.40 12.84
C ALA B 516 -25.37 -26.57 12.92
N ALA B 517 -26.12 -25.46 12.87
CA ALA B 517 -27.57 -25.55 12.93
C ALA B 517 -28.12 -26.21 11.67
N LEU B 518 -27.67 -25.76 10.49
CA LEU B 518 -28.06 -26.41 9.25
C LEU B 518 -27.42 -27.76 9.08
N ALA B 519 -26.35 -28.05 9.82
CA ALA B 519 -25.79 -29.40 9.82
C ALA B 519 -26.69 -30.40 10.52
N MET B 520 -27.64 -29.94 11.33
CA MET B 520 -28.64 -30.80 11.94
C MET B 520 -30.07 -30.44 11.56
N ASN B 521 -30.28 -29.30 10.89
CA ASN B 521 -31.62 -28.94 10.44
C ASN B 521 -32.10 -29.87 9.34
N SER B 522 -31.20 -30.32 8.47
CA SER B 522 -31.54 -31.32 7.47
C SER B 522 -30.66 -32.55 7.56
N SER B 523 -29.36 -32.36 7.81
CA SER B 523 -28.31 -33.37 7.94
C SER B 523 -28.29 -34.44 6.83
N PRO B 524 -28.03 -34.08 5.57
CA PRO B 524 -27.78 -35.13 4.58
C PRO B 524 -26.30 -35.43 4.42
N SER B 525 -25.99 -36.64 3.97
CA SER B 525 -24.64 -37.02 3.61
C SER B 525 -24.69 -37.49 2.16
N VAL B 526 -24.62 -36.52 1.24
CA VAL B 526 -24.67 -36.78 -0.19
C VAL B 526 -23.73 -35.80 -0.89
N ARG B 527 -23.66 -35.93 -2.21
CA ARG B 527 -22.67 -35.20 -2.99
C ARG B 527 -23.22 -34.41 -4.16
N SER B 528 -24.45 -34.69 -4.60
CA SER B 528 -24.99 -34.01 -5.78
C SER B 528 -25.40 -32.58 -5.43
N ASN B 529 -26.31 -32.43 -4.47
CA ASN B 529 -26.75 -31.10 -4.05
C ASN B 529 -26.89 -30.99 -2.54
N ILE B 530 -26.19 -31.83 -1.77
CA ILE B 530 -26.30 -31.77 -0.32
C ILE B 530 -25.49 -30.60 0.22
N ARG B 531 -24.21 -30.49 -0.16
CA ARG B 531 -23.37 -29.42 0.34
C ARG B 531 -23.75 -28.07 -0.26
N VAL B 532 -24.44 -28.08 -1.41
CA VAL B 532 -24.86 -26.83 -2.01
C VAL B 532 -26.03 -26.23 -1.23
N THR B 533 -26.93 -27.07 -0.74
CA THR B 533 -28.13 -26.55 -0.07
C THR B 533 -27.93 -26.41 1.44
N VAL B 534 -27.06 -27.24 2.02
CA VAL B 534 -26.81 -27.13 3.46
C VAL B 534 -26.08 -25.82 3.77
N THR B 535 -25.06 -25.50 2.98
CA THR B 535 -24.42 -24.20 3.11
C THR B 535 -25.32 -23.07 2.63
N ALA B 536 -26.32 -23.37 1.79
CA ALA B 536 -27.33 -22.36 1.50
C ALA B 536 -28.23 -22.15 2.70
N THR B 537 -28.49 -23.20 3.46
CA THR B 537 -29.39 -23.07 4.59
C THR B 537 -28.75 -22.30 5.74
N ALA B 538 -27.46 -22.55 6.00
CA ALA B 538 -26.80 -21.95 7.15
C ALA B 538 -26.62 -20.45 6.97
N VAL B 539 -26.46 -20.02 5.73
CA VAL B 539 -26.42 -18.59 5.45
C VAL B 539 -27.79 -17.97 5.72
N ILE B 540 -28.86 -18.69 5.37
CA ILE B 540 -30.21 -18.25 5.70
C ILE B 540 -30.42 -18.26 7.21
N ILE B 541 -29.85 -19.24 7.90
CA ILE B 541 -29.89 -19.22 9.37
C ILE B 541 -29.07 -18.06 9.91
N ASN B 542 -27.98 -17.69 9.23
CA ASN B 542 -27.26 -16.48 9.62
C ASN B 542 -28.11 -15.23 9.40
N LEU B 543 -28.61 -15.04 8.18
CA LEU B 543 -29.27 -13.78 7.81
C LEU B 543 -30.54 -13.52 8.62
N VAL B 544 -31.18 -14.56 9.11
CA VAL B 544 -32.30 -14.34 10.03
C VAL B 544 -31.79 -13.78 11.34
N VAL B 545 -30.78 -14.42 11.92
CA VAL B 545 -30.40 -14.10 13.29
C VAL B 545 -29.50 -12.86 13.30
N ILE B 546 -28.73 -12.66 12.24
CA ILE B 546 -27.84 -11.49 12.18
C ILE B 546 -28.65 -10.22 12.12
N ILE B 547 -29.77 -10.24 11.39
CA ILE B 547 -30.64 -9.07 11.36
C ILE B 547 -31.32 -8.87 12.72
N LEU B 548 -31.63 -9.96 13.42
CA LEU B 548 -32.07 -9.85 14.80
C LEU B 548 -30.96 -9.29 15.68
N LEU B 549 -29.74 -9.74 15.46
CA LEU B 549 -28.60 -9.21 16.18
C LEU B 549 -28.14 -7.85 15.64
N ASP B 550 -28.56 -7.48 14.43
CA ASP B 550 -28.28 -6.13 13.95
C ASP B 550 -29.07 -5.10 14.74
N GLU B 551 -30.29 -5.44 15.15
CA GLU B 551 -31.07 -4.52 15.98
C GLU B 551 -30.54 -4.44 17.39
N VAL B 552 -29.79 -5.44 17.84
CA VAL B 552 -29.21 -5.44 19.18
C VAL B 552 -28.15 -4.34 19.28
N TYR B 553 -27.33 -4.19 18.25
CA TYR B 553 -26.24 -3.23 18.29
C TYR B 553 -26.73 -1.79 18.29
N GLY B 554 -27.91 -1.54 17.71
CA GLY B 554 -28.46 -0.20 17.75
C GLY B 554 -28.84 0.23 19.16
N CYS B 555 -29.46 -0.68 19.92
CA CYS B 555 -29.71 -0.41 21.33
C CYS B 555 -28.41 -0.43 22.13
N ILE B 556 -27.41 -1.16 21.67
CA ILE B 556 -26.08 -1.05 22.28
C ILE B 556 -25.43 0.29 21.99
N ALA B 557 -25.39 0.71 20.74
CA ALA B 557 -24.70 1.95 20.37
C ALA B 557 -25.41 3.21 20.84
N ARG B 558 -26.73 3.20 20.94
CA ARG B 558 -27.45 4.42 21.33
C ARG B 558 -27.25 4.72 22.81
N TRP B 559 -27.32 3.70 23.66
CA TRP B 559 -27.08 3.92 25.09
C TRP B 559 -25.62 4.18 25.37
N LEU B 560 -24.73 3.58 24.57
CA LEU B 560 -23.30 3.76 24.78
C LEU B 560 -22.84 5.15 24.35
N THR B 561 -23.39 5.68 23.26
CA THR B 561 -23.10 7.06 22.90
C THR B 561 -23.79 8.04 23.84
N LYS B 562 -24.95 7.68 24.39
CA LYS B 562 -25.55 8.53 25.41
C LYS B 562 -24.77 8.47 26.72
N ILE B 563 -24.02 7.39 26.94
CA ILE B 563 -23.18 7.30 28.12
C ILE B 563 -21.95 8.18 27.96
N GLU B 564 -21.40 8.27 26.74
CA GLU B 564 -20.22 9.08 26.52
C GLU B 564 -20.51 10.57 26.54
N VAL B 565 -21.76 10.95 26.28
CA VAL B 565 -22.27 12.32 26.24
C VAL B 565 -21.41 13.21 25.33
N PRO B 566 -21.53 13.12 24.01
CA PRO B 566 -20.99 14.20 23.18
C PRO B 566 -21.94 15.38 23.21
N LYS B 567 -21.37 16.58 23.24
CA LYS B 567 -22.17 17.78 23.43
C LYS B 567 -22.98 18.11 22.18
N THR B 568 -22.32 18.16 21.03
CA THR B 568 -23.00 18.50 19.80
C THR B 568 -23.84 17.32 19.33
N GLU B 569 -25.11 17.59 19.02
CA GLU B 569 -26.00 16.53 18.56
C GLU B 569 -25.65 16.07 17.14
N LYS B 570 -24.97 16.92 16.37
CA LYS B 570 -24.52 16.51 15.04
C LYS B 570 -23.42 15.47 15.13
N SER B 571 -22.36 15.75 15.87
CA SER B 571 -21.29 14.79 16.08
C SER B 571 -21.72 13.63 16.98
N PHE B 572 -22.85 13.78 17.69
CA PHE B 572 -23.44 12.65 18.40
C PHE B 572 -23.85 11.56 17.42
N GLU B 573 -24.53 11.94 16.34
CA GLU B 573 -24.87 10.96 15.32
C GLU B 573 -23.65 10.50 14.55
N GLU B 574 -22.68 11.40 14.37
CA GLU B 574 -21.44 11.04 13.69
C GLU B 574 -20.65 10.03 14.51
N ARG B 575 -20.69 10.16 15.84
CA ARG B 575 -20.11 9.12 16.69
C ARG B 575 -21.00 7.89 16.68
N LEU B 576 -22.30 8.08 16.47
CA LEU B 576 -23.23 6.96 16.54
C LEU B 576 -23.09 6.04 15.35
N THR B 577 -22.96 6.61 14.14
CA THR B 577 -22.75 5.81 12.94
C THR B 577 -21.46 5.01 13.05
N PHE B 578 -20.35 5.71 13.26
CA PHE B 578 -19.03 5.10 13.35
C PHE B 578 -18.92 4.10 14.48
N LYS B 579 -19.73 4.24 15.52
CA LYS B 579 -19.91 3.14 16.46
C LYS B 579 -20.71 2.01 15.83
N ALA B 580 -21.90 2.34 15.31
CA ALA B 580 -22.82 1.29 14.87
C ALA B 580 -22.43 0.67 13.54
N PHE B 581 -21.81 1.46 12.65
CA PHE B 581 -21.29 0.89 11.41
C PHE B 581 -20.26 -0.18 11.70
N LEU B 582 -19.25 0.17 12.49
CA LEU B 582 -18.21 -0.79 12.85
C LEU B 582 -18.76 -1.97 13.64
N LEU B 583 -19.87 -1.78 14.34
CA LEU B 583 -20.59 -2.94 14.86
C LEU B 583 -21.21 -3.74 13.74
N LYS B 584 -21.89 -3.07 12.79
CA LYS B 584 -22.56 -3.80 11.72
C LYS B 584 -21.59 -4.25 10.64
N PHE B 585 -20.46 -3.57 10.50
CA PHE B 585 -19.35 -4.07 9.69
C PHE B 585 -18.93 -5.43 10.21
N VAL B 586 -18.55 -5.48 11.49
CA VAL B 586 -18.06 -6.74 12.05
C VAL B 586 -19.20 -7.69 12.36
N ASN B 587 -20.45 -7.24 12.29
CA ASN B 587 -21.54 -8.20 12.29
C ASN B 587 -21.62 -8.91 10.95
N SER B 588 -21.64 -8.14 9.86
CA SER B 588 -22.03 -8.68 8.57
C SER B 588 -20.89 -9.35 7.84
N TYR B 589 -19.70 -8.74 7.84
CA TYR B 589 -18.63 -9.23 6.99
C TYR B 589 -17.80 -10.29 7.67
N THR B 590 -17.89 -10.41 8.99
CA THR B 590 -17.12 -11.41 9.71
C THR B 590 -17.45 -12.86 9.36
N PRO B 591 -18.69 -13.24 8.98
CA PRO B 591 -18.83 -14.55 8.32
C PRO B 591 -18.00 -14.70 7.08
N ILE B 592 -17.88 -13.64 6.29
CA ILE B 592 -17.13 -13.75 5.04
C ILE B 592 -15.63 -13.71 5.33
N PHE B 593 -15.21 -12.82 6.22
CA PHE B 593 -13.82 -12.76 6.65
C PHE B 593 -13.38 -14.06 7.29
N TYR B 594 -14.31 -14.76 7.96
CA TYR B 594 -13.99 -16.07 8.48
C TYR B 594 -13.73 -17.06 7.36
N VAL B 595 -14.64 -17.12 6.39
CA VAL B 595 -14.56 -18.13 5.33
C VAL B 595 -13.64 -17.75 4.18
N ALA B 596 -13.28 -16.47 4.05
CA ALA B 596 -12.28 -16.11 3.07
C ALA B 596 -10.90 -16.53 3.58
N PHE B 597 -10.55 -16.07 4.77
CA PHE B 597 -9.20 -16.22 5.27
C PHE B 597 -9.09 -17.28 6.35
N PHE B 598 -9.82 -17.13 7.44
CA PHE B 598 -9.48 -17.83 8.66
C PHE B 598 -10.08 -19.23 8.74
N LYS B 599 -11.11 -19.52 7.95
CA LYS B 599 -11.64 -20.88 7.94
C LYS B 599 -10.69 -21.81 7.22
N GLY B 600 -10.01 -21.31 6.20
CA GLY B 600 -8.99 -22.11 5.54
C GLY B 600 -7.65 -22.11 6.23
N ARG B 601 -7.29 -21.02 6.90
CA ARG B 601 -6.01 -20.94 7.60
C ARG B 601 -6.05 -21.72 8.91
N PHE B 602 -4.94 -21.67 9.64
CA PHE B 602 -4.81 -22.03 11.05
C PHE B 602 -5.06 -23.50 11.32
N VAL B 603 -5.02 -24.35 10.30
CA VAL B 603 -5.32 -25.78 10.46
C VAL B 603 -4.25 -26.56 9.71
N GLY B 604 -3.46 -27.33 10.45
CA GLY B 604 -2.64 -28.36 9.85
C GLY B 604 -2.84 -29.64 10.63
N ARG B 605 -3.41 -30.67 10.00
CA ARG B 605 -3.76 -31.87 10.75
C ARG B 605 -2.70 -32.93 10.58
N PRO B 606 -2.14 -33.46 11.66
CA PRO B 606 -1.09 -34.49 11.56
C PRO B 606 -1.61 -35.84 11.08
N GLY B 607 -0.76 -36.85 11.02
CA GLY B 607 -1.17 -38.03 10.29
C GLY B 607 -1.09 -37.82 8.79
N ASP B 608 0.12 -37.88 8.21
CA ASP B 608 0.36 -37.62 6.79
C ASP B 608 -0.31 -38.64 5.88
N TYR B 609 -0.02 -38.54 4.58
CA TYR B 609 -0.94 -38.71 3.45
C TYR B 609 -2.16 -39.60 3.65
N VAL B 610 -1.96 -40.77 4.27
CA VAL B 610 -3.06 -41.72 4.47
C VAL B 610 -4.12 -41.12 5.40
N TYR B 611 -3.70 -40.35 6.40
CA TYR B 611 -4.68 -39.74 7.29
C TYR B 611 -4.95 -38.27 6.95
N ILE B 612 -4.04 -37.58 6.22
CA ILE B 612 -4.31 -36.21 5.79
C ILE B 612 -5.41 -36.16 4.73
N PHE B 613 -5.37 -37.08 3.76
CA PHE B 613 -6.30 -37.07 2.64
C PHE B 613 -7.75 -37.37 3.02
N ARG B 614 -7.99 -37.92 4.21
CA ARG B 614 -9.29 -38.53 4.48
C ARG B 614 -10.08 -37.78 5.55
N SER B 615 -9.40 -37.33 6.60
CA SER B 615 -10.03 -37.20 7.91
C SER B 615 -10.92 -35.96 8.09
N PHE B 616 -11.38 -35.38 6.99
CA PHE B 616 -12.30 -34.26 7.04
C PHE B 616 -13.73 -34.78 7.01
N ARG B 617 -14.44 -34.68 8.15
CA ARG B 617 -15.85 -35.08 8.31
C ARG B 617 -16.11 -36.55 7.99
N MET B 618 -15.09 -37.40 8.19
CA MET B 618 -15.14 -38.85 7.98
C MET B 618 -15.50 -39.18 6.52
N GLU B 619 -14.71 -38.61 5.61
CA GLU B 619 -14.48 -39.10 4.26
C GLU B 619 -15.70 -39.12 3.35
N GLU B 620 -16.77 -38.41 3.69
CA GLU B 620 -18.00 -38.56 2.90
C GLU B 620 -18.58 -37.23 2.42
N CYS B 621 -18.41 -36.15 3.19
CA CYS B 621 -19.04 -34.89 2.81
C CYS B 621 -18.22 -34.16 1.76
N ALA B 622 -17.01 -33.70 2.13
CA ALA B 622 -16.13 -32.98 1.19
C ALA B 622 -14.63 -32.97 1.51
N PRO B 623 -13.93 -34.11 1.62
CA PRO B 623 -12.52 -34.12 1.24
C PRO B 623 -12.29 -34.21 -0.25
N GLY B 624 -13.33 -34.44 -1.03
CA GLY B 624 -13.20 -34.32 -2.47
C GLY B 624 -12.90 -32.88 -2.88
N GLY B 625 -13.65 -31.94 -2.31
CA GLY B 625 -13.32 -30.55 -2.51
C GLY B 625 -13.51 -29.70 -1.27
N CYS B 626 -12.45 -29.07 -0.80
CA CYS B 626 -12.61 -28.06 0.25
C CYS B 626 -13.17 -26.79 -0.38
N LEU B 627 -12.36 -26.16 -1.24
CA LEU B 627 -12.77 -25.19 -2.26
C LEU B 627 -13.58 -24.04 -1.71
N MET B 628 -12.92 -23.21 -0.92
CA MET B 628 -13.64 -22.19 -0.18
C MET B 628 -14.07 -21.01 -1.03
N GLU B 629 -13.81 -21.03 -2.34
CA GLU B 629 -14.35 -20.01 -3.23
C GLU B 629 -15.87 -20.10 -3.28
N LEU B 630 -16.41 -21.31 -3.34
CA LEU B 630 -17.84 -21.51 -3.47
C LEU B 630 -18.60 -21.06 -2.24
N CYS B 631 -18.03 -21.29 -1.05
CA CYS B 631 -18.62 -20.79 0.17
C CYS B 631 -18.63 -19.27 0.23
N ILE B 632 -17.72 -18.62 -0.50
CA ILE B 632 -17.82 -17.18 -0.71
C ILE B 632 -18.72 -16.88 -1.91
N GLN B 633 -18.79 -17.79 -2.89
CA GLN B 633 -19.74 -17.60 -3.98
C GLN B 633 -21.17 -17.71 -3.48
N LEU B 634 -21.47 -18.75 -2.69
CA LEU B 634 -22.84 -19.00 -2.28
C LEU B 634 -23.32 -18.01 -1.25
N SER B 635 -22.43 -17.53 -0.39
CA SER B 635 -22.85 -16.66 0.70
C SER B 635 -23.24 -15.29 0.19
N ILE B 636 -22.41 -14.68 -0.65
CA ILE B 636 -22.67 -13.33 -1.15
C ILE B 636 -23.89 -13.29 -2.06
N ILE B 637 -24.22 -14.42 -2.70
CA ILE B 637 -25.47 -14.53 -3.44
C ILE B 637 -26.66 -14.39 -2.50
N MET B 638 -26.69 -15.17 -1.41
CA MET B 638 -27.78 -15.06 -0.45
C MET B 638 -27.69 -13.76 0.33
N LEU B 639 -26.48 -13.23 0.49
CA LEU B 639 -26.31 -11.90 1.07
C LEU B 639 -26.72 -10.80 0.11
N GLY B 640 -26.67 -11.08 -1.19
CA GLY B 640 -27.06 -10.07 -2.16
C GLY B 640 -28.52 -10.14 -2.52
N LYS B 641 -29.08 -11.35 -2.56
CA LYS B 641 -30.44 -11.51 -3.04
C LYS B 641 -31.48 -11.31 -1.94
N GLN B 642 -31.23 -11.80 -0.73
CA GLN B 642 -32.30 -11.85 0.26
C GLN B 642 -32.41 -10.60 1.11
N LEU B 643 -32.03 -9.45 0.56
CA LEU B 643 -32.64 -8.21 1.01
C LEU B 643 -34.08 -8.11 0.51
N ILE B 644 -34.39 -8.79 -0.58
CA ILE B 644 -35.74 -8.82 -1.15
C ILE B 644 -36.57 -9.94 -0.54
N GLN B 645 -36.03 -11.16 -0.53
CA GLN B 645 -36.82 -12.36 -0.27
C GLN B 645 -37.27 -12.51 1.17
N ASN B 646 -36.86 -11.63 2.08
CA ASN B 646 -37.47 -11.55 3.40
C ASN B 646 -38.50 -10.43 3.48
N ASN B 647 -38.22 -9.30 2.86
CA ASN B 647 -39.10 -8.14 2.93
C ASN B 647 -40.30 -8.28 2.00
N ARG B 682 -55.68 16.10 6.31
CA ARG B 682 -55.77 14.95 5.43
C ARG B 682 -54.65 13.97 5.71
N TYR B 683 -54.20 13.93 6.97
CA TYR B 683 -53.11 13.06 7.37
C TYR B 683 -53.38 12.42 8.73
N GLU B 684 -54.64 12.14 9.04
CA GLU B 684 -54.98 11.55 10.33
C GLU B 684 -54.50 10.11 10.43
N VAL B 685 -54.44 9.41 9.30
CA VAL B 685 -53.94 8.03 9.28
C VAL B 685 -52.43 7.95 9.37
N ASP B 686 -51.72 9.08 9.23
CA ASP B 686 -50.27 9.05 9.26
C ASP B 686 -49.73 8.78 10.65
N PHE B 687 -50.52 9.04 11.69
CA PHE B 687 -50.08 8.73 13.05
C PHE B 687 -50.06 7.24 13.35
N ASN B 688 -50.71 6.43 12.51
CA ASN B 688 -50.80 5.00 12.75
C ASN B 688 -49.66 4.20 12.14
N LEU B 689 -48.49 4.81 11.94
CA LEU B 689 -47.43 4.11 11.22
C LEU B 689 -46.04 4.50 11.74
N GLU B 690 -45.06 3.66 11.44
CA GLU B 690 -43.70 3.78 11.96
C GLU B 690 -43.03 5.06 11.45
N PRO B 691 -42.13 5.65 12.24
CA PRO B 691 -41.60 6.97 11.90
C PRO B 691 -40.48 6.94 10.85
N PHE B 692 -40.06 8.14 10.46
CA PHE B 692 -39.15 8.44 9.36
C PHE B 692 -37.70 8.30 9.84
N ALA B 693 -36.74 8.84 9.07
CA ALA B 693 -35.32 8.96 9.43
C ALA B 693 -34.67 7.58 9.58
N GLY B 694 -34.98 6.69 8.65
CA GLY B 694 -34.28 5.42 8.56
C GLY B 694 -33.33 5.43 7.37
N LEU B 695 -32.77 6.60 7.08
CA LEU B 695 -31.88 6.72 5.94
C LEU B 695 -30.44 6.37 6.30
N THR B 696 -30.07 6.49 7.56
CA THR B 696 -28.77 6.01 8.04
C THR B 696 -28.64 4.48 8.11
N PRO B 697 -29.69 3.67 8.35
CA PRO B 697 -29.55 2.24 8.01
C PRO B 697 -29.56 2.01 6.51
N GLU B 698 -30.29 2.86 5.78
CA GLU B 698 -30.42 2.68 4.34
C GLU B 698 -29.11 2.96 3.61
N TYR B 699 -28.44 4.05 4.01
CA TYR B 699 -27.01 4.26 3.74
C TYR B 699 -26.21 3.02 4.04
N MET B 700 -26.44 2.44 5.21
CA MET B 700 -25.60 1.33 5.66
C MET B 700 -25.93 0.07 4.88
N GLU B 701 -27.21 -0.16 4.59
CA GLU B 701 -27.67 -1.40 3.97
C GLU B 701 -27.06 -1.60 2.59
N MET B 702 -26.73 -0.51 1.90
CA MET B 702 -26.16 -0.60 0.57
C MET B 702 -24.64 -0.60 0.61
N ILE B 703 -24.03 0.04 1.59
CA ILE B 703 -22.59 -0.03 1.72
C ILE B 703 -22.16 -1.38 2.27
N ILE B 704 -23.05 -2.09 2.95
CA ILE B 704 -22.83 -3.52 3.17
C ILE B 704 -22.81 -4.26 1.83
N GLN B 705 -23.63 -3.82 0.89
CA GLN B 705 -23.65 -4.42 -0.45
C GLN B 705 -22.53 -3.88 -1.34
N PHE B 706 -22.11 -2.61 -1.15
CA PHE B 706 -20.95 -2.12 -1.86
C PHE B 706 -19.70 -2.87 -1.46
N GLY B 707 -19.59 -3.20 -0.19
CA GLY B 707 -18.49 -4.02 0.21
C GLY B 707 -18.67 -5.47 -0.10
N PHE B 708 -19.84 -5.87 -0.58
CA PHE B 708 -19.94 -7.20 -1.15
C PHE B 708 -19.38 -7.24 -2.56
N VAL B 709 -19.65 -6.21 -3.34
CA VAL B 709 -19.20 -6.12 -4.72
C VAL B 709 -17.69 -5.94 -4.71
N THR B 710 -17.24 -4.81 -4.20
CA THR B 710 -15.87 -4.37 -4.44
C THR B 710 -14.86 -5.10 -3.56
N LEU B 711 -15.19 -5.36 -2.31
CA LEU B 711 -14.22 -6.00 -1.44
C LEU B 711 -14.04 -7.47 -1.76
N PHE B 712 -14.99 -8.09 -2.45
CA PHE B 712 -14.94 -9.53 -2.62
C PHE B 712 -15.05 -9.98 -4.06
N VAL B 713 -14.81 -9.11 -5.03
CA VAL B 713 -14.89 -9.59 -6.40
C VAL B 713 -13.55 -10.21 -6.78
N ALA B 714 -13.37 -11.41 -6.38
CA ALA B 714 -12.39 -12.22 -7.06
C ALA B 714 -12.92 -13.61 -7.36
N SER B 715 -13.69 -14.20 -6.44
CA SER B 715 -14.16 -15.56 -6.65
C SER B 715 -15.23 -15.60 -7.74
N PHE B 716 -16.35 -14.93 -7.51
CA PHE B 716 -17.37 -14.90 -8.53
C PHE B 716 -17.49 -13.50 -9.08
N PRO B 717 -17.51 -13.33 -10.40
CA PRO B 717 -17.44 -11.99 -10.96
C PRO B 717 -18.78 -11.40 -11.31
N LEU B 718 -19.88 -12.12 -11.12
CA LEU B 718 -21.20 -11.59 -11.46
C LEU B 718 -21.84 -10.86 -10.28
N ALA B 719 -21.09 -10.69 -9.20
CA ALA B 719 -21.40 -9.88 -8.03
C ALA B 719 -21.91 -8.47 -8.36
N PRO B 720 -21.48 -7.83 -9.45
CA PRO B 720 -22.27 -6.70 -9.93
C PRO B 720 -23.70 -7.04 -10.32
N LEU B 721 -23.94 -8.12 -11.07
CA LEU B 721 -25.28 -8.36 -11.58
C LEU B 721 -26.23 -8.81 -10.48
N PHE B 722 -25.75 -9.63 -9.54
CA PHE B 722 -26.54 -9.96 -8.36
C PHE B 722 -26.73 -8.77 -7.45
N ALA B 723 -25.89 -7.75 -7.58
CA ALA B 723 -26.25 -6.45 -7.04
C ALA B 723 -27.15 -5.70 -8.01
N LEU B 724 -26.94 -5.86 -9.33
CA LEU B 724 -27.67 -5.05 -10.31
C LEU B 724 -29.14 -5.42 -10.37
N LEU B 725 -29.44 -6.72 -10.49
CA LEU B 725 -30.82 -7.18 -10.44
C LEU B 725 -31.47 -6.83 -9.11
N ASN B 726 -30.67 -6.88 -8.04
CA ASN B 726 -31.14 -6.44 -6.73
C ASN B 726 -31.45 -4.95 -6.74
N ASN B 727 -30.47 -4.13 -7.16
CA ASN B 727 -30.59 -2.69 -7.00
C ASN B 727 -31.62 -2.05 -7.90
N ILE B 728 -32.05 -2.75 -8.96
CA ILE B 728 -33.16 -2.25 -9.77
C ILE B 728 -34.45 -2.28 -8.96
N ILE B 729 -34.71 -3.40 -8.29
CA ILE B 729 -35.84 -3.48 -7.36
C ILE B 729 -35.59 -2.58 -6.15
N GLU B 730 -34.36 -2.57 -5.63
CA GLU B 730 -34.02 -1.85 -4.41
C GLU B 730 -34.17 -0.34 -4.52
N ILE B 731 -34.15 0.21 -5.73
CA ILE B 731 -34.65 1.57 -5.88
C ILE B 731 -36.16 1.60 -5.67
N ARG B 732 -36.88 0.79 -6.45
CA ARG B 732 -38.34 0.82 -6.42
C ARG B 732 -38.90 0.24 -5.13
N LEU B 733 -38.17 -0.69 -4.50
CA LEU B 733 -38.56 -1.15 -3.19
C LEU B 733 -38.44 -0.04 -2.16
N ASP B 734 -37.34 0.70 -2.21
CA ASP B 734 -37.15 1.79 -1.28
C ASP B 734 -37.89 3.06 -1.70
N ALA B 735 -38.20 3.21 -2.98
CA ALA B 735 -39.04 4.34 -3.39
C ALA B 735 -40.46 4.15 -2.91
N LYS B 736 -40.99 2.94 -3.05
CA LYS B 736 -42.33 2.64 -2.56
C LYS B 736 -42.37 2.66 -1.04
N LYS B 737 -41.25 2.31 -0.39
CA LYS B 737 -41.17 2.38 1.05
C LYS B 737 -41.18 3.83 1.53
N PHE B 738 -40.82 4.77 0.66
CA PHE B 738 -40.84 6.15 1.08
C PHE B 738 -42.13 6.87 0.72
N VAL B 739 -43.02 6.26 -0.06
CA VAL B 739 -44.27 6.88 -0.46
C VAL B 739 -45.46 6.25 0.25
N THR B 740 -45.67 4.95 0.05
CA THR B 740 -46.77 4.23 0.66
C THR B 740 -46.47 3.84 2.10
N GLU B 741 -45.23 3.99 2.54
CA GLU B 741 -44.85 3.76 3.93
C GLU B 741 -44.01 4.94 4.36
N LEU B 742 -43.67 4.95 5.66
CA LEU B 742 -42.79 5.94 6.32
C LEU B 742 -43.24 7.37 6.01
N ARG B 743 -44.43 7.69 6.49
CA ARG B 743 -45.34 8.60 5.81
C ARG B 743 -44.95 10.07 5.88
N ARG B 744 -43.72 10.43 6.26
CA ARG B 744 -43.37 11.84 6.42
C ARG B 744 -42.19 12.23 5.53
N PRO B 745 -42.46 12.66 4.29
CA PRO B 745 -41.42 13.29 3.42
C PRO B 745 -41.20 14.77 3.72
N VAL B 746 -40.31 15.00 4.69
CA VAL B 746 -40.17 16.29 5.37
C VAL B 746 -39.62 17.39 4.46
N ALA B 747 -38.97 17.03 3.36
CA ALA B 747 -38.14 17.90 2.53
C ALA B 747 -37.09 18.61 3.39
N ILE B 748 -36.20 17.79 3.95
CA ILE B 748 -35.19 18.27 4.89
C ILE B 748 -34.13 19.09 4.17
N ARG B 749 -33.58 18.54 3.09
CA ARG B 749 -32.66 19.22 2.17
C ARG B 749 -31.36 19.65 2.85
N ALA B 750 -30.82 18.81 3.72
CA ALA B 750 -29.50 19.04 4.26
C ALA B 750 -28.43 18.58 3.28
N LYS B 751 -27.18 18.76 3.65
CA LYS B 751 -26.05 18.59 2.74
C LYS B 751 -25.24 17.35 3.11
N ASP B 752 -24.13 17.15 2.38
CA ASP B 752 -22.98 16.38 2.83
C ASP B 752 -23.23 14.92 3.15
N ILE B 753 -23.40 14.09 2.12
CA ILE B 753 -23.38 12.64 2.28
C ILE B 753 -21.99 12.13 2.67
N GLY B 754 -20.96 12.96 2.58
CA GLY B 754 -19.56 12.60 2.78
C GLY B 754 -19.12 11.86 4.03
N ILE B 755 -20.01 11.70 5.00
CA ILE B 755 -19.66 10.93 6.18
C ILE B 755 -19.61 9.44 5.87
N TRP B 756 -20.30 9.01 4.82
CA TRP B 756 -20.17 7.65 4.31
C TRP B 756 -19.20 7.56 3.15
N TYR B 757 -19.00 8.66 2.43
CA TYR B 757 -17.98 8.73 1.40
C TYR B 757 -16.59 8.64 2.01
N ASN B 758 -16.43 9.14 3.24
CA ASN B 758 -15.21 8.89 3.99
C ASN B 758 -15.07 7.43 4.33
N ILE B 759 -16.19 6.77 4.64
CA ILE B 759 -16.17 5.32 4.85
C ILE B 759 -15.91 4.62 3.53
N LEU B 760 -16.51 5.13 2.45
CA LEU B 760 -16.53 4.43 1.18
C LEU B 760 -15.14 4.39 0.56
N ARG B 761 -14.44 5.53 0.59
CA ARG B 761 -13.03 5.57 0.24
C ARG B 761 -12.20 4.68 1.15
N GLY B 762 -12.54 4.65 2.44
CA GLY B 762 -11.84 3.76 3.36
C GLY B 762 -12.12 2.31 3.05
N VAL B 763 -13.37 1.98 2.72
CA VAL B 763 -13.68 0.67 2.16
C VAL B 763 -12.99 0.50 0.83
N GLY B 764 -12.96 1.57 0.02
CA GLY B 764 -12.20 1.53 -1.21
C GLY B 764 -10.71 1.44 -1.00
N LYS B 765 -10.20 2.02 0.08
CA LYS B 765 -8.82 1.76 0.44
C LYS B 765 -8.65 0.33 0.92
N LEU B 766 -9.64 -0.17 1.67
CA LEU B 766 -9.63 -1.59 2.01
C LEU B 766 -9.91 -2.48 0.82
N ALA B 767 -10.50 -1.94 -0.25
CA ALA B 767 -10.82 -2.77 -1.42
C ALA B 767 -9.56 -3.34 -2.05
N VAL B 768 -8.59 -2.47 -2.35
CA VAL B 768 -7.34 -2.91 -2.95
C VAL B 768 -6.47 -3.71 -1.99
N ILE B 769 -6.72 -3.62 -0.69
CA ILE B 769 -6.04 -4.50 0.23
C ILE B 769 -6.70 -5.87 0.24
N ILE B 770 -8.01 -5.90 0.47
CA ILE B 770 -8.69 -7.13 0.85
C ILE B 770 -8.80 -8.08 -0.34
N ASN B 771 -9.17 -7.58 -1.51
CA ASN B 771 -9.32 -8.52 -2.62
C ASN B 771 -7.97 -8.98 -3.14
N ALA B 772 -6.93 -8.16 -2.95
CA ALA B 772 -5.57 -8.65 -3.15
C ALA B 772 -5.20 -9.72 -2.14
N PHE B 773 -5.77 -9.68 -0.94
CA PHE B 773 -5.69 -10.83 -0.05
C PHE B 773 -6.76 -11.87 -0.35
N VAL B 774 -7.67 -11.62 -1.29
CA VAL B 774 -8.55 -12.69 -1.74
C VAL B 774 -7.94 -13.38 -2.94
N ILE B 775 -7.45 -12.58 -3.88
CA ILE B 775 -7.06 -13.10 -5.18
C ILE B 775 -5.71 -13.76 -5.13
N SER B 776 -4.85 -13.42 -4.18
CA SER B 776 -3.49 -13.92 -4.15
C SER B 776 -3.35 -15.00 -3.10
N PHE B 777 -4.38 -15.83 -2.96
CA PHE B 777 -4.32 -17.06 -2.20
C PHE B 777 -5.04 -18.18 -2.93
N THR B 778 -5.69 -17.86 -4.07
CA THR B 778 -6.48 -18.80 -4.86
C THR B 778 -5.92 -18.98 -6.26
N SER B 779 -5.69 -17.87 -6.98
CA SER B 779 -5.16 -17.89 -8.34
C SER B 779 -3.68 -17.57 -8.39
N ASP B 780 -2.92 -17.90 -7.35
CA ASP B 780 -1.48 -17.83 -7.36
C ASP B 780 -0.86 -19.13 -6.90
N PHE B 781 -1.65 -20.15 -6.63
CA PHE B 781 -1.12 -21.51 -6.60
C PHE B 781 -0.49 -21.86 -7.93
N ILE B 782 -1.27 -21.72 -9.00
CA ILE B 782 -0.98 -22.24 -10.32
C ILE B 782 -0.05 -21.37 -11.17
N PRO B 783 -0.21 -20.01 -11.30
CA PRO B 783 0.68 -19.29 -12.24
C PRO B 783 2.07 -19.04 -11.71
N ARG B 784 2.45 -19.67 -10.60
CA ARG B 784 3.84 -19.94 -10.35
C ARG B 784 4.18 -21.41 -10.48
N LEU B 785 3.20 -22.30 -10.44
CA LEU B 785 3.46 -23.71 -10.75
C LEU B 785 3.43 -23.97 -12.25
N VAL B 786 3.12 -22.96 -13.05
CA VAL B 786 3.74 -22.84 -14.36
C VAL B 786 5.24 -22.97 -14.22
N TYR B 787 5.82 -22.22 -13.28
CA TYR B 787 7.25 -22.02 -13.20
C TYR B 787 7.93 -22.91 -12.17
N LEU B 788 7.43 -24.13 -11.95
CA LEU B 788 8.26 -25.22 -11.44
C LEU B 788 8.34 -26.41 -12.38
N TYR B 789 7.22 -27.03 -12.74
CA TYR B 789 7.27 -28.30 -13.45
C TYR B 789 7.41 -28.13 -14.96
N MET B 790 7.05 -26.97 -15.49
CA MET B 790 7.26 -26.68 -16.90
C MET B 790 8.63 -26.04 -17.08
N TYR B 791 9.66 -26.84 -16.81
CA TYR B 791 11.03 -26.47 -17.10
C TYR B 791 11.34 -26.65 -18.59
N SER B 792 10.89 -27.75 -19.19
CA SER B 792 11.26 -28.04 -20.56
C SER B 792 10.40 -27.27 -21.55
N GLN B 793 9.10 -27.60 -21.62
CA GLN B 793 8.26 -27.01 -22.67
C GLN B 793 6.85 -26.79 -22.13
N ASN B 794 6.63 -25.62 -21.50
CA ASN B 794 5.59 -24.64 -21.82
C ASN B 794 5.49 -23.53 -20.78
N GLY B 795 4.68 -22.52 -21.08
CA GLY B 795 4.19 -21.59 -20.09
C GLY B 795 2.69 -21.71 -19.89
N THR B 796 1.96 -21.98 -20.97
CA THR B 796 0.50 -22.01 -20.92
C THR B 796 -0.10 -23.32 -21.39
N MET B 797 0.41 -23.91 -22.48
CA MET B 797 -0.28 -25.02 -23.13
C MET B 797 -0.21 -26.30 -22.31
N HIS B 798 1.00 -26.71 -21.91
CA HIS B 798 1.14 -27.67 -20.83
C HIS B 798 1.31 -26.98 -19.48
N GLY B 799 0.98 -25.70 -19.39
CA GLY B 799 0.79 -24.99 -18.14
C GLY B 799 -0.52 -25.29 -17.47
N PHE B 800 -1.37 -26.08 -18.10
CA PHE B 800 -2.54 -26.63 -17.45
C PHE B 800 -2.24 -27.95 -16.76
N VAL B 801 -1.10 -28.58 -17.04
CA VAL B 801 -0.74 -29.84 -16.42
C VAL B 801 -0.49 -29.69 -14.92
N ASN B 802 -0.20 -28.47 -14.47
CA ASN B 802 0.03 -28.18 -13.06
C ASN B 802 -1.23 -27.66 -12.37
N HIS B 803 -2.40 -28.06 -12.84
CA HIS B 803 -3.53 -28.17 -11.93
C HIS B 803 -3.32 -29.37 -11.00
N THR B 804 -3.07 -30.55 -11.59
CA THR B 804 -3.17 -31.82 -10.87
C THR B 804 -2.06 -31.98 -9.85
N LEU B 805 -0.81 -31.80 -10.27
CA LEU B 805 0.33 -32.15 -9.44
C LEU B 805 0.49 -31.25 -8.22
N SER B 806 -0.12 -30.07 -8.23
CA SER B 806 -0.28 -29.31 -7.00
C SER B 806 -1.11 -30.03 -5.97
N SER B 807 -2.11 -30.82 -6.39
CA SER B 807 -2.81 -31.70 -5.46
C SER B 807 -2.06 -33.00 -5.20
N PHE B 808 -1.21 -33.41 -6.14
CA PHE B 808 -0.27 -34.48 -5.82
C PHE B 808 0.85 -33.96 -4.94
N ASN B 809 1.12 -32.65 -4.97
CA ASN B 809 2.00 -32.07 -3.97
C ASN B 809 1.39 -32.21 -2.58
N VAL B 810 0.29 -31.49 -2.27
CA VAL B 810 -0.97 -31.89 -1.61
C VAL B 810 -1.78 -30.59 -1.53
N SER B 811 -3.13 -30.63 -1.68
CA SER B 811 -4.17 -29.78 -1.05
C SER B 811 -3.74 -28.36 -0.67
N ASP B 812 -3.44 -27.52 -1.66
CA ASP B 812 -2.41 -26.47 -1.68
C ASP B 812 -2.26 -25.53 -0.48
N PHE B 813 -3.18 -25.53 0.47
CA PHE B 813 -3.08 -24.65 1.64
C PHE B 813 -2.03 -25.17 2.64
N GLN B 814 -2.11 -24.64 3.87
CA GLN B 814 -1.22 -25.04 4.96
C GLN B 814 -1.31 -26.54 5.29
N ASN B 815 -2.43 -27.18 4.95
CA ASN B 815 -2.54 -28.64 5.01
C ASN B 815 -1.73 -29.35 3.93
N GLY B 816 -1.27 -28.61 2.91
CA GLY B 816 -0.89 -29.25 1.66
C GLY B 816 0.54 -29.09 1.17
N THR B 817 1.24 -28.08 1.63
CA THR B 817 2.64 -27.89 1.27
C THR B 817 3.59 -28.54 2.27
N ALA B 818 3.03 -29.03 3.36
CA ALA B 818 3.70 -29.78 4.42
C ALA B 818 4.02 -31.27 4.21
N PRO B 819 3.12 -32.14 3.61
CA PRO B 819 3.32 -33.59 3.84
C PRO B 819 4.28 -34.35 2.94
N ASN B 820 5.21 -33.71 2.23
CA ASN B 820 6.12 -34.53 1.43
C ASN B 820 7.30 -35.07 2.22
N ASP B 821 7.29 -34.93 3.55
CA ASP B 821 8.30 -35.52 4.41
C ASP B 821 8.23 -37.04 4.46
N PRO B 822 7.07 -37.71 4.39
CA PRO B 822 7.10 -39.16 4.11
C PRO B 822 7.55 -39.54 2.69
N LEU B 823 7.75 -38.58 1.78
CA LEU B 823 8.41 -38.93 0.52
C LEU B 823 9.93 -38.84 0.65
N ASP B 824 10.44 -37.79 1.28
CA ASP B 824 11.86 -37.47 1.26
C ASP B 824 12.60 -37.82 2.53
N LEU B 825 11.94 -37.70 3.68
CA LEU B 825 12.51 -37.90 5.03
C LEU B 825 13.72 -37.02 5.27
N LYS B 846 6.58 -31.18 6.48
CA LYS B 846 6.68 -30.24 7.59
C LYS B 846 8.14 -29.90 7.92
N TYR B 847 9.06 -30.79 7.54
CA TYR B 847 10.47 -30.64 7.87
C TYR B 847 11.13 -29.67 6.91
N ASP B 848 11.11 -30.03 5.62
CA ASP B 848 11.80 -29.24 4.61
C ASP B 848 10.86 -28.81 3.49
N ILE B 849 9.81 -29.58 3.20
CA ILE B 849 9.02 -29.29 2.02
C ILE B 849 8.00 -28.19 2.33
N SER B 850 7.80 -27.85 3.61
CA SER B 850 7.00 -26.67 3.91
C SER B 850 7.72 -25.36 3.60
N LYS B 851 8.90 -25.42 2.97
CA LYS B 851 9.62 -24.25 2.49
C LYS B 851 9.20 -23.84 1.08
N ASP B 852 8.56 -24.71 0.31
CA ASP B 852 7.93 -24.27 -0.92
C ASP B 852 6.61 -23.54 -0.65
N PHE B 853 6.08 -23.67 0.57
CA PHE B 853 4.98 -22.83 1.01
C PHE B 853 5.37 -21.37 1.01
N TRP B 854 6.59 -21.07 1.43
CA TRP B 854 7.05 -19.69 1.50
C TRP B 854 7.17 -19.09 0.11
N ALA B 855 7.52 -19.92 -0.88
CA ALA B 855 7.72 -19.44 -2.24
C ALA B 855 6.44 -18.89 -2.83
N VAL B 856 5.33 -19.60 -2.60
CA VAL B 856 4.03 -19.03 -2.95
C VAL B 856 3.75 -17.83 -2.06
N LEU B 857 3.99 -17.97 -0.76
CA LEU B 857 3.73 -16.90 0.21
C LEU B 857 4.59 -15.69 -0.06
N ALA B 858 5.75 -15.88 -0.68
CA ALA B 858 6.45 -14.76 -1.29
C ALA B 858 5.58 -14.12 -2.36
N ALA B 859 5.21 -14.90 -3.39
CA ALA B 859 4.45 -14.39 -4.51
C ALA B 859 3.02 -14.02 -4.13
N ARG B 860 2.48 -14.64 -3.07
CA ARG B 860 1.24 -14.15 -2.49
C ARG B 860 1.43 -12.72 -2.02
N LEU B 861 2.44 -12.49 -1.20
CA LEU B 861 2.73 -11.15 -0.72
C LEU B 861 3.32 -10.29 -1.83
N ALA B 862 4.00 -10.89 -2.79
CA ALA B 862 4.55 -10.09 -3.88
C ALA B 862 3.45 -9.61 -4.80
N PHE B 863 2.37 -10.37 -4.93
CA PHE B 863 1.28 -9.92 -5.79
C PHE B 863 0.58 -8.72 -5.18
N VAL B 864 0.35 -8.75 -3.87
CA VAL B 864 -0.38 -7.69 -3.19
C VAL B 864 0.40 -6.40 -3.25
N ILE B 865 1.71 -6.50 -2.99
CA ILE B 865 2.55 -5.33 -2.96
C ILE B 865 2.75 -4.79 -4.37
N VAL B 866 2.58 -5.62 -5.39
CA VAL B 866 2.44 -5.11 -6.75
C VAL B 866 1.05 -4.53 -6.93
N PHE B 867 0.03 -5.19 -6.37
CA PHE B 867 -1.36 -4.83 -6.61
C PHE B 867 -1.69 -3.48 -5.99
N GLN B 868 -1.60 -3.36 -4.66
CA GLN B 868 -2.01 -2.13 -3.99
C GLN B 868 -1.06 -0.97 -4.22
N ASN B 869 0.00 -1.18 -4.99
CA ASN B 869 0.84 -0.09 -5.47
C ASN B 869 0.51 0.29 -6.90
N LEU B 870 0.34 -0.69 -7.80
CA LEU B 870 -0.10 -0.37 -9.15
C LEU B 870 -1.53 0.13 -9.17
N VAL B 871 -2.44 -0.54 -8.46
CA VAL B 871 -3.83 -0.13 -8.51
C VAL B 871 -4.06 1.14 -7.70
N MET B 872 -3.17 1.47 -6.77
CA MET B 872 -3.19 2.83 -6.24
C MET B 872 -2.44 3.79 -7.14
N PHE B 873 -1.69 3.29 -8.12
CA PHE B 873 -1.12 4.17 -9.13
C PHE B 873 -2.03 4.25 -10.36
N MET B 874 -2.70 3.16 -10.69
CA MET B 874 -3.72 3.21 -11.75
C MET B 874 -4.86 4.12 -11.33
N SER B 875 -5.22 4.10 -10.05
CA SER B 875 -6.19 5.06 -9.55
C SER B 875 -5.60 6.44 -9.33
N ASP B 876 -4.28 6.60 -9.43
CA ASP B 876 -3.74 7.94 -9.46
C ASP B 876 -3.94 8.58 -10.83
N PHE B 877 -4.10 7.77 -11.88
CA PHE B 877 -4.51 8.31 -13.17
C PHE B 877 -5.95 8.81 -13.10
N VAL B 878 -6.86 7.97 -12.62
CA VAL B 878 -8.28 8.22 -12.73
C VAL B 878 -8.72 9.35 -11.80
N ASP B 879 -7.95 9.61 -10.73
CA ASP B 879 -8.25 10.72 -9.84
C ASP B 879 -7.97 12.07 -10.48
N TRP B 880 -7.21 12.11 -11.57
CA TRP B 880 -6.88 13.35 -12.27
C TRP B 880 -7.59 13.50 -13.60
N VAL B 881 -8.02 12.40 -14.22
CA VAL B 881 -8.60 12.46 -15.55
C VAL B 881 -10.01 13.05 -15.51
N ILE B 882 -10.85 12.56 -14.61
CA ILE B 882 -12.28 12.85 -14.64
C ILE B 882 -12.66 14.29 -14.25
N PRO B 883 -12.32 14.84 -13.07
CA PRO B 883 -12.99 16.08 -12.64
C PRO B 883 -12.51 17.35 -13.35
N ASP B 884 -11.68 17.25 -14.38
CA ASP B 884 -11.31 18.42 -15.17
C ASP B 884 -11.57 18.16 -16.65
CA CA C . 19.85 26.90 -3.15
CA CA D . -33.58 -0.70 1.71
#